data_4YOW
#
_entry.id   4YOW
#
_cell.length_a   81.569
_cell.length_b   100.265
_cell.length_c   113.181
_cell.angle_alpha   90.000
_cell.angle_beta   90.000
_cell.angle_gamma   90.000
#
_symmetry.space_group_name_H-M   'P 21 21 21'
#
loop_
_entity.id
_entity.type
_entity.pdbx_description
1 polymer '3-5 exonuclease PhoExo I'
2 polymer "5'-D(*CP*CP*CP*CP*CP*CP*C)-3'"
3 water water
#
loop_
_entity_poly.entity_id
_entity_poly.type
_entity_poly.pdbx_seq_one_letter_code
_entity_poly.pdbx_strand_id
1 'polypeptide(L)'
;MRIVAADTGGAVLDESFQPVGLIATVAVLVEKPYKTSKRFLVKYADPYNYDLSGRQAIRDEIELAIELAREVSPDVIHLN
STLGGIEVRKLDESTIDALQISDRGKEIWKELSKDLQPLAKKFWEETGIEIIAIGKSSVPVRIAEIYAGIFSVKWALDNV
KEKGGLLVGLPRYMEVEIKKDKIIGKSLDPREGGLYGEVKTEVPQGIKWELYPNPLVRRFMVFEITSKSHHHH
;
A,C,E
2 'polydeoxyribonucleotide' (DC)(DC)(DC)(DC)(DC)(DC)(DC) B,D,F
#
loop_
_chem_comp.id
_chem_comp.type
_chem_comp.name
_chem_comp.formula
DC DNA linking 2'-DEOXYCYTIDINE-5'-MONOPHOSPHATE 'C9 H14 N3 O7 P'
#
# COMPACT_ATOMS: atom_id res chain seq x y z
N MET A 1 20.04 -10.87 14.66
CA MET A 1 20.52 -11.16 13.32
C MET A 1 21.41 -10.05 12.77
N ARG A 2 22.41 -10.43 11.98
CA ARG A 2 23.24 -9.48 11.27
C ARG A 2 23.13 -9.79 9.78
N ILE A 3 22.57 -8.85 9.02
CA ILE A 3 22.27 -9.10 7.62
C ILE A 3 22.98 -8.10 6.72
N VAL A 4 23.59 -8.60 5.66
CA VAL A 4 24.09 -7.75 4.60
C VAL A 4 23.13 -7.79 3.43
N ALA A 5 22.72 -6.61 2.96
CA ALA A 5 21.81 -6.51 1.83
C ALA A 5 22.32 -5.49 0.83
N ALA A 6 21.93 -5.66 -0.43
CA ALA A 6 22.38 -4.77 -1.49
C ALA A 6 21.25 -4.41 -2.43
N ASP A 7 21.23 -3.16 -2.87
CA ASP A 7 20.27 -2.72 -3.88
C ASP A 7 20.86 -1.65 -4.79
N THR A 8 20.38 -1.59 -6.03
CA THR A 8 20.72 -0.50 -6.94
C THR A 8 19.52 0.42 -7.09
N GLY A 9 19.74 1.72 -6.97
CA GLY A 9 18.66 2.68 -7.04
C GLY A 9 19.10 4.09 -7.37
N GLY A 10 18.14 4.96 -7.68
CA GLY A 10 18.43 6.32 -8.07
C GLY A 10 18.70 6.42 -9.56
N ALA A 11 18.04 7.34 -10.23
CA ALA A 11 18.18 7.46 -11.68
C ALA A 11 18.25 8.91 -12.15
N VAL A 12 19.12 9.17 -13.12
CA VAL A 12 19.14 10.45 -13.81
C VAL A 12 17.96 10.54 -14.76
N LEU A 13 17.17 11.60 -14.63
CA LEU A 13 16.00 11.80 -15.47
C LEU A 13 16.21 12.95 -16.46
N ASP A 14 15.60 12.83 -17.64
CA ASP A 14 15.52 13.95 -18.56
C ASP A 14 14.35 14.84 -18.16
N GLU A 15 14.10 15.90 -18.92
CA GLU A 15 13.08 16.88 -18.55
C GLU A 15 11.66 16.38 -18.76
N SER A 16 11.52 15.20 -19.36
CA SER A 16 10.22 14.54 -19.46
C SER A 16 10.13 13.44 -18.41
N PHE A 17 11.04 13.50 -17.43
CA PHE A 17 11.08 12.57 -16.31
C PHE A 17 11.34 11.11 -16.71
N GLN A 18 11.81 10.91 -17.93
CA GLN A 18 12.20 9.57 -18.36
C GLN A 18 13.60 9.24 -17.88
N PRO A 19 13.76 8.08 -17.21
CA PRO A 19 15.04 7.63 -16.67
C PRO A 19 16.09 7.36 -17.75
N VAL A 20 17.31 7.83 -17.51
CA VAL A 20 18.41 7.65 -18.46
C VAL A 20 19.32 6.51 -18.03
N GLY A 21 19.68 6.50 -16.75
CA GLY A 21 20.52 5.46 -16.20
C GLY A 21 20.48 5.44 -14.68
N LEU A 22 20.81 4.30 -14.09
CA LEU A 22 20.85 4.17 -12.64
C LEU A 22 22.14 4.73 -12.09
N ILE A 23 22.14 5.10 -10.81
CA ILE A 23 23.26 5.83 -10.23
C ILE A 23 24.07 5.01 -9.22
N ALA A 24 23.45 4.67 -8.10
CA ALA A 24 24.18 4.08 -6.98
C ALA A 24 23.82 2.63 -6.70
N THR A 25 24.84 1.81 -6.52
CA THR A 25 24.67 0.46 -5.98
C THR A 25 25.25 0.45 -4.57
N VAL A 26 24.45 0.05 -3.61
CA VAL A 26 24.84 0.12 -2.20
C VAL A 26 24.64 -1.21 -1.48
N ALA A 27 25.66 -1.64 -0.75
CA ALA A 27 25.53 -2.79 0.14
C ALA A 27 25.57 -2.32 1.58
N VAL A 28 24.63 -2.78 2.40
CA VAL A 28 24.56 -2.35 3.78
C VAL A 28 24.61 -3.52 4.76
N LEU A 29 25.18 -3.26 5.94
CA LEU A 29 25.07 -4.19 7.06
C LEU A 29 23.98 -3.71 8.00
N VAL A 30 23.02 -4.58 8.27
CA VAL A 30 21.90 -4.21 9.14
C VAL A 30 21.78 -5.10 10.37
N GLU A 31 21.71 -4.46 11.53
CA GLU A 31 21.56 -5.17 12.80
C GLU A 31 20.36 -4.61 13.55
N LYS A 32 19.99 -5.30 14.63
CA LYS A 32 18.92 -4.84 15.52
C LYS A 32 19.21 -3.39 15.96
N PRO A 33 18.17 -2.53 15.99
CA PRO A 33 16.75 -2.79 15.75
C PRO A 33 16.29 -2.70 14.28
N TYR A 34 17.22 -2.89 13.35
CA TYR A 34 16.87 -3.04 11.93
C TYR A 34 16.13 -1.84 11.34
N LYS A 35 16.54 -0.64 11.73
CA LYS A 35 15.93 0.58 11.19
C LYS A 35 16.85 1.33 10.25
N THR A 36 18.16 1.09 10.40
CA THR A 36 19.16 1.82 9.62
C THR A 36 20.43 1.02 9.44
N SER A 37 21.46 1.66 8.90
CA SER A 37 22.77 1.03 8.73
C SER A 37 23.90 2.01 9.03
N LYS A 38 24.87 1.56 9.82
CA LYS A 38 26.03 2.38 10.16
C LYS A 38 27.26 1.92 9.38
N ARG A 39 27.10 0.84 8.61
CA ARG A 39 28.19 0.27 7.83
C ARG A 39 27.71 -0.11 6.44
N PHE A 40 28.29 0.53 5.43
CA PHE A 40 27.81 0.37 4.06
C PHE A 40 28.89 0.70 3.02
N LEU A 41 28.70 0.15 1.83
CA LEU A 41 29.57 0.45 0.70
C LEU A 41 28.74 1.05 -0.43
N VAL A 42 29.38 1.82 -1.30
CA VAL A 42 28.70 2.38 -2.45
C VAL A 42 29.54 2.22 -3.71
N LYS A 43 28.89 1.85 -4.80
CA LYS A 43 29.54 1.77 -6.10
C LYS A 43 28.73 2.55 -7.12
N TYR A 44 29.36 3.54 -7.74
CA TYR A 44 28.67 4.41 -8.69
C TYR A 44 28.73 3.88 -10.12
N ALA A 45 27.63 4.03 -10.84
CA ALA A 45 27.59 3.71 -12.26
C ALA A 45 27.62 5.01 -13.07
N ASP A 46 27.78 4.89 -14.38
CA ASP A 46 27.65 6.04 -15.25
C ASP A 46 26.26 6.03 -15.89
N PRO A 47 25.36 6.91 -15.40
CA PRO A 47 23.98 6.98 -15.88
C PRO A 47 23.86 7.32 -17.36
N TYR A 48 24.85 8.04 -17.87
CA TYR A 48 24.81 8.52 -19.25
C TYR A 48 25.35 7.48 -20.23
N ASN A 49 25.94 6.42 -19.68
CA ASN A 49 26.32 5.25 -20.46
C ASN A 49 25.78 3.99 -19.78
N TYR A 50 24.48 3.98 -19.51
CA TYR A 50 23.84 2.90 -18.79
C TYR A 50 22.77 2.19 -19.63
N ASP A 51 22.73 0.86 -19.54
CA ASP A 51 21.75 0.08 -20.25
C ASP A 51 20.62 -0.31 -19.32
N LEU A 52 19.47 0.35 -19.47
CA LEU A 52 18.31 0.09 -18.63
C LEU A 52 17.66 -1.24 -18.98
N SER A 53 17.77 -1.63 -20.24
CA SER A 53 17.26 -2.93 -20.69
C SER A 53 18.07 -4.06 -20.07
N GLY A 54 19.37 -3.82 -19.91
CA GLY A 54 20.27 -4.79 -19.30
C GLY A 54 20.03 -4.92 -17.80
N ARG A 55 20.59 -5.98 -17.22
CA ARG A 55 20.44 -6.24 -15.80
C ARG A 55 21.80 -6.25 -15.09
N GLN A 56 22.60 -5.24 -15.37
CA GLN A 56 23.90 -5.07 -14.71
C GLN A 56 23.74 -4.82 -13.22
N ALA A 57 22.69 -4.06 -12.87
CA ALA A 57 22.37 -3.72 -11.48
C ALA A 57 22.50 -4.90 -10.51
N ILE A 58 21.88 -6.02 -10.84
CA ILE A 58 21.84 -7.17 -9.94
C ILE A 58 23.20 -7.87 -9.83
N ARG A 59 24.03 -7.73 -10.85
CA ARG A 59 25.37 -8.31 -10.83
C ARG A 59 26.30 -7.46 -9.99
N ASP A 60 26.11 -6.14 -10.05
CA ASP A 60 26.85 -5.22 -9.20
C ASP A 60 26.45 -5.41 -7.74
N GLU A 61 25.16 -5.65 -7.51
CA GLU A 61 24.61 -5.85 -6.17
C GLU A 61 25.24 -7.04 -5.45
N ILE A 62 25.18 -8.20 -6.09
CA ILE A 62 25.67 -9.43 -5.47
C ILE A 62 27.18 -9.39 -5.26
N GLU A 63 27.89 -8.68 -6.15
CA GLU A 63 29.34 -8.53 -6.01
C GLU A 63 29.67 -7.66 -4.81
N LEU A 64 29.01 -6.51 -4.71
CA LEU A 64 29.27 -5.55 -3.66
C LEU A 64 28.87 -6.08 -2.29
N ALA A 65 27.78 -6.85 -2.25
CA ALA A 65 27.30 -7.45 -1.02
C ALA A 65 28.29 -8.46 -0.48
N ILE A 66 28.88 -9.24 -1.39
CA ILE A 66 29.89 -10.23 -1.03
C ILE A 66 31.13 -9.55 -0.47
N GLU A 67 31.55 -8.46 -1.12
CA GLU A 67 32.72 -7.71 -0.70
C GLU A 67 32.58 -7.22 0.74
N LEU A 68 31.39 -6.76 1.09
CA LEU A 68 31.10 -6.29 2.44
C LEU A 68 30.96 -7.48 3.41
N ALA A 69 30.32 -8.54 2.93
CA ALA A 69 30.09 -9.73 3.74
C ALA A 69 31.40 -10.42 4.11
N ARG A 70 32.38 -10.33 3.22
CA ARG A 70 33.69 -10.94 3.45
C ARG A 70 34.43 -10.20 4.56
N GLU A 71 33.96 -9.00 4.88
CA GLU A 71 34.61 -8.18 5.88
C GLU A 71 33.93 -8.23 7.24
N VAL A 72 32.61 -8.32 7.24
CA VAL A 72 31.84 -8.19 8.48
C VAL A 72 31.17 -9.49 8.93
N SER A 73 31.24 -10.51 8.08
CA SER A 73 30.71 -11.83 8.39
C SER A 73 29.28 -11.82 8.93
N PRO A 74 28.30 -11.49 8.08
CA PRO A 74 26.91 -11.47 8.50
C PRO A 74 26.32 -12.88 8.59
N ASP A 75 25.11 -13.01 9.11
CA ASP A 75 24.45 -14.30 9.18
C ASP A 75 23.94 -14.75 7.83
N VAL A 76 23.59 -13.77 6.98
CA VAL A 76 22.96 -14.07 5.70
C VAL A 76 23.02 -12.84 4.78
N ILE A 77 22.99 -13.07 3.47
CA ILE A 77 22.94 -11.99 2.49
C ILE A 77 21.57 -11.90 1.82
N HIS A 78 20.99 -10.70 1.84
CA HIS A 78 19.72 -10.47 1.17
C HIS A 78 19.90 -9.78 -0.18
N LEU A 79 19.47 -10.47 -1.24
CA LEU A 79 19.52 -9.90 -2.58
C LEU A 79 18.15 -9.34 -2.97
N ASN A 80 18.15 -8.25 -3.72
CA ASN A 80 16.89 -7.59 -4.07
C ASN A 80 16.23 -8.24 -5.29
N SER A 81 15.60 -9.38 -5.05
CA SER A 81 14.80 -10.06 -6.07
C SER A 81 13.77 -10.96 -5.38
N THR A 82 12.50 -10.66 -5.58
CA THR A 82 11.45 -11.36 -4.87
C THR A 82 11.19 -12.75 -5.47
N LEU A 83 11.91 -13.75 -4.96
CA LEU A 83 11.73 -15.12 -5.42
C LEU A 83 11.31 -16.02 -4.27
N GLY A 84 10.87 -15.42 -3.17
CA GLY A 84 10.37 -16.16 -2.02
C GLY A 84 11.45 -16.60 -1.05
N GLY A 85 12.62 -15.98 -1.13
CA GLY A 85 13.70 -16.27 -0.20
C GLY A 85 14.48 -17.53 -0.50
N ILE A 86 14.50 -17.92 -1.78
CA ILE A 86 15.24 -19.11 -2.20
C ILE A 86 16.73 -18.78 -2.33
N GLU A 87 17.58 -19.72 -1.93
CA GLU A 87 19.02 -19.51 -2.02
C GLU A 87 19.47 -19.47 -3.48
N VAL A 88 20.24 -18.44 -3.82
CA VAL A 88 20.75 -18.26 -5.18
C VAL A 88 21.57 -19.46 -5.63
N ARG A 89 22.32 -20.05 -4.71
CA ARG A 89 23.17 -21.19 -5.02
C ARG A 89 22.38 -22.42 -5.48
N LYS A 90 21.08 -22.43 -5.21
CA LYS A 90 20.21 -23.53 -5.61
C LYS A 90 19.40 -23.19 -6.86
N LEU A 91 19.76 -22.10 -7.53
CA LEU A 91 18.99 -21.64 -8.68
C LEU A 91 19.48 -22.22 -10.00
N ASP A 92 18.82 -23.29 -10.44
CA ASP A 92 19.00 -23.80 -11.79
C ASP A 92 17.65 -23.73 -12.50
N GLU A 93 17.65 -23.97 -13.80
CA GLU A 93 16.43 -23.88 -14.61
C GLU A 93 15.29 -24.73 -14.05
N SER A 94 15.63 -25.87 -13.46
CA SER A 94 14.62 -26.77 -12.89
C SER A 94 13.82 -26.09 -11.78
N THR A 95 14.52 -25.41 -10.87
CA THR A 95 13.87 -24.78 -9.74
C THR A 95 13.29 -23.41 -10.11
N ILE A 96 13.92 -22.76 -11.08
CA ILE A 96 13.44 -21.47 -11.58
C ILE A 96 12.06 -21.56 -12.21
N ASP A 97 11.87 -22.56 -13.07
CA ASP A 97 10.59 -22.76 -13.74
C ASP A 97 9.51 -23.19 -12.74
N ALA A 98 9.94 -23.68 -11.58
CA ALA A 98 9.00 -24.11 -10.54
C ALA A 98 8.68 -22.97 -9.58
N LEU A 99 9.27 -21.80 -9.83
CA LEU A 99 9.00 -20.61 -9.03
C LEU A 99 7.73 -19.91 -9.47
N GLN A 100 7.05 -19.27 -8.52
CA GLN A 100 5.82 -18.54 -8.82
C GLN A 100 6.17 -17.10 -9.22
N ILE A 101 6.96 -16.98 -10.29
CA ILE A 101 7.31 -15.68 -10.86
C ILE A 101 6.83 -15.57 -12.29
N SER A 102 6.89 -14.36 -12.85
CA SER A 102 6.45 -14.12 -14.22
C SER A 102 7.26 -14.91 -15.23
N ASP A 103 6.73 -15.07 -16.44
CA ASP A 103 7.42 -15.77 -17.50
C ASP A 103 8.68 -15.02 -17.90
N ARG A 104 8.64 -13.70 -17.75
CA ARG A 104 9.81 -12.87 -18.04
C ARG A 104 10.84 -13.00 -16.94
N GLY A 105 10.37 -13.07 -15.70
CA GLY A 105 11.22 -13.29 -14.55
C GLY A 105 12.04 -14.56 -14.64
N LYS A 106 11.39 -15.63 -15.09
CA LYS A 106 12.07 -16.92 -15.26
C LYS A 106 13.18 -16.84 -16.30
N GLU A 107 12.87 -16.23 -17.43
CA GLU A 107 13.83 -16.06 -18.52
C GLU A 107 15.08 -15.31 -18.07
N ILE A 108 14.86 -14.19 -17.39
CA ILE A 108 15.97 -13.35 -16.92
C ILE A 108 16.86 -14.10 -15.94
N TRP A 109 16.26 -14.82 -14.99
CA TRP A 109 17.03 -15.50 -13.96
C TRP A 109 17.68 -16.79 -14.46
N LYS A 110 17.12 -17.37 -15.51
CA LYS A 110 17.73 -18.53 -16.15
C LYS A 110 19.06 -18.13 -16.78
N GLU A 111 19.14 -16.89 -17.21
CA GLU A 111 20.34 -16.36 -17.84
C GLU A 111 21.33 -15.89 -16.76
N LEU A 112 20.80 -15.33 -15.68
CA LEU A 112 21.63 -14.88 -14.57
C LEU A 112 22.27 -16.05 -13.84
N SER A 113 21.55 -17.17 -13.78
CA SER A 113 22.01 -18.36 -13.06
C SER A 113 23.34 -18.90 -13.58
N LYS A 114 23.62 -18.67 -14.85
CA LYS A 114 24.84 -19.16 -15.47
C LYS A 114 26.09 -18.64 -14.76
N ASP A 115 26.03 -17.39 -14.32
CA ASP A 115 27.16 -16.78 -13.61
C ASP A 115 26.93 -16.72 -12.10
N LEU A 116 25.72 -16.33 -11.70
CA LEU A 116 25.45 -16.04 -10.29
C LEU A 116 25.31 -17.27 -9.41
N GLN A 117 24.80 -18.36 -9.98
CA GLN A 117 24.63 -19.60 -9.22
C GLN A 117 25.96 -20.25 -8.82
N PRO A 118 26.93 -20.35 -9.76
CA PRO A 118 28.23 -20.86 -9.29
C PRO A 118 28.90 -19.91 -8.30
N LEU A 119 28.73 -18.61 -8.50
CA LEU A 119 29.31 -17.61 -7.61
C LEU A 119 28.75 -17.75 -6.18
N ALA A 120 27.45 -18.02 -6.09
CA ALA A 120 26.80 -18.18 -4.80
C ALA A 120 27.18 -19.50 -4.16
N LYS A 121 27.38 -20.53 -4.98
CA LYS A 121 27.78 -21.83 -4.48
C LYS A 121 29.19 -21.77 -3.92
N LYS A 122 30.05 -21.05 -4.63
CA LYS A 122 31.45 -20.88 -4.23
C LYS A 122 31.56 -20.11 -2.92
N PHE A 123 30.79 -19.04 -2.79
CA PHE A 123 30.82 -18.21 -1.60
C PHE A 123 30.26 -18.94 -0.38
N TRP A 124 29.26 -19.79 -0.62
CA TRP A 124 28.64 -20.55 0.46
C TRP A 124 29.54 -21.66 0.98
N GLU A 125 30.32 -22.27 0.09
CA GLU A 125 31.24 -23.32 0.50
C GLU A 125 32.41 -22.75 1.29
N GLU A 126 32.74 -21.49 0.99
CA GLU A 126 33.79 -20.78 1.72
C GLU A 126 33.34 -20.34 3.11
N THR A 127 32.24 -19.59 3.17
CA THR A 127 31.86 -18.88 4.39
C THR A 127 30.66 -19.48 5.10
N GLY A 128 29.89 -20.29 4.38
CA GLY A 128 28.67 -20.87 4.94
C GLY A 128 27.51 -19.91 4.92
N ILE A 129 27.72 -18.74 4.31
CA ILE A 129 26.68 -17.71 4.25
C ILE A 129 25.80 -17.88 3.01
N GLU A 130 24.50 -18.03 3.24
CA GLU A 130 23.55 -18.13 2.14
C GLU A 130 23.28 -16.76 1.53
N ILE A 131 23.02 -16.75 0.22
CA ILE A 131 22.56 -15.55 -0.46
C ILE A 131 21.14 -15.80 -0.95
N ILE A 132 20.16 -15.21 -0.28
CA ILE A 132 18.77 -15.52 -0.59
C ILE A 132 18.10 -14.38 -1.37
N ALA A 133 17.28 -14.77 -2.33
CA ALA A 133 16.51 -13.82 -3.12
C ALA A 133 15.17 -13.57 -2.43
N ILE A 134 15.13 -12.54 -1.59
CA ILE A 134 13.96 -12.25 -0.78
C ILE A 134 13.26 -10.99 -1.26
N GLY A 135 14.05 -10.03 -1.75
CA GLY A 135 13.51 -8.82 -2.36
C GLY A 135 12.63 -7.96 -1.48
N LYS A 136 11.39 -7.78 -1.91
CA LYS A 136 10.45 -6.85 -1.28
C LYS A 136 10.13 -7.21 0.16
N SER A 137 10.32 -8.47 0.53
CA SER A 137 10.00 -8.93 1.87
C SER A 137 11.06 -8.55 2.89
N SER A 138 12.23 -8.16 2.41
CA SER A 138 13.37 -7.86 3.29
C SER A 138 13.43 -6.39 3.69
N VAL A 139 13.64 -6.15 4.99
CA VAL A 139 13.87 -4.80 5.50
C VAL A 139 15.30 -4.30 5.24
N PRO A 140 16.34 -5.15 5.45
CA PRO A 140 17.68 -4.70 5.08
C PRO A 140 17.81 -4.25 3.62
N VAL A 141 17.10 -4.92 2.70
CA VAL A 141 17.09 -4.53 1.30
C VAL A 141 16.51 -3.12 1.14
N ARG A 142 15.41 -2.85 1.84
CA ARG A 142 14.77 -1.55 1.80
C ARG A 142 15.69 -0.46 2.35
N ILE A 143 16.44 -0.80 3.40
CA ILE A 143 17.42 0.12 3.96
C ILE A 143 18.51 0.42 2.93
N ALA A 144 18.95 -0.62 2.23
CA ALA A 144 19.93 -0.48 1.14
C ALA A 144 19.36 0.41 0.05
N GLU A 145 18.06 0.27 -0.21
CA GLU A 145 17.38 1.06 -1.22
C GLU A 145 17.35 2.53 -0.82
N ILE A 146 17.14 2.79 0.47
CA ILE A 146 17.13 4.15 0.99
C ILE A 146 18.50 4.81 0.84
N TYR A 147 19.56 4.07 1.17
CA TYR A 147 20.91 4.59 1.05
C TYR A 147 21.30 4.81 -0.42
N ALA A 148 20.76 3.97 -1.29
CA ALA A 148 20.95 4.13 -2.73
C ALA A 148 20.38 5.47 -3.17
N GLY A 149 19.27 5.85 -2.56
CA GLY A 149 18.66 7.14 -2.81
C GLY A 149 19.53 8.26 -2.29
N ILE A 150 20.08 8.07 -1.09
CA ILE A 150 20.94 9.06 -0.47
C ILE A 150 22.21 9.30 -1.29
N PHE A 151 22.81 8.21 -1.76
CA PHE A 151 24.06 8.30 -2.52
C PHE A 151 23.82 8.84 -3.92
N SER A 152 22.60 8.70 -4.42
CA SER A 152 22.23 9.29 -5.70
C SER A 152 22.18 10.80 -5.57
N VAL A 153 21.64 11.27 -4.45
CA VAL A 153 21.64 12.69 -4.13
C VAL A 153 23.08 13.17 -3.96
N LYS A 154 23.89 12.38 -3.26
CA LYS A 154 25.30 12.70 -3.08
C LYS A 154 26.02 12.77 -4.42
N TRP A 155 25.76 11.80 -5.29
CA TRP A 155 26.33 11.79 -6.64
C TRP A 155 25.95 13.07 -7.37
N ALA A 156 24.70 13.48 -7.22
CA ALA A 156 24.21 14.70 -7.85
C ALA A 156 24.91 15.93 -7.26
N LEU A 157 25.07 15.93 -5.95
CA LEU A 157 25.77 17.02 -5.26
C LEU A 157 27.20 17.18 -5.78
N ASP A 158 27.89 16.05 -5.98
CA ASP A 158 29.28 16.06 -6.40
C ASP A 158 29.45 16.35 -7.89
N ASN A 159 28.37 16.18 -8.66
CA ASN A 159 28.44 16.33 -10.11
C ASN A 159 27.53 17.43 -10.67
N VAL A 160 27.01 18.28 -9.80
CA VAL A 160 26.04 19.28 -10.23
C VAL A 160 26.65 20.48 -10.98
N LYS A 161 27.83 20.94 -10.56
CA LYS A 161 28.40 22.17 -11.09
C LYS A 161 29.08 21.97 -12.44
N GLU A 162 29.34 20.71 -12.77
CA GLU A 162 29.88 20.34 -14.07
C GLU A 162 28.75 20.01 -15.04
N LYS A 163 27.58 19.69 -14.50
CA LYS A 163 26.44 19.33 -15.32
C LYS A 163 25.38 20.45 -15.31
N GLY A 164 25.57 21.41 -14.41
CA GLY A 164 24.73 22.60 -14.33
C GLY A 164 23.24 22.39 -14.29
N GLY A 165 22.79 21.31 -13.67
CA GLY A 165 21.37 21.01 -13.58
C GLY A 165 21.11 19.52 -13.64
N LEU A 166 20.44 18.99 -12.62
CA LEU A 166 20.20 17.55 -12.55
C LEU A 166 18.82 17.19 -11.99
N LEU A 167 18.15 16.27 -12.68
CA LEU A 167 16.94 15.64 -12.14
C LEU A 167 17.27 14.23 -11.70
N VAL A 168 17.14 13.97 -10.41
CA VAL A 168 17.39 12.64 -9.88
C VAL A 168 16.10 11.98 -9.42
N GLY A 169 15.75 10.87 -10.07
CA GLY A 169 14.60 10.09 -9.66
C GLY A 169 14.97 9.16 -8.53
N LEU A 170 14.37 9.40 -7.37
CA LEU A 170 14.63 8.60 -6.18
C LEU A 170 13.88 7.27 -6.20
N PRO A 171 14.31 6.31 -5.37
CA PRO A 171 13.52 5.09 -5.14
C PRO A 171 12.15 5.39 -4.53
N ARG A 172 11.30 4.38 -4.46
CA ARG A 172 9.88 4.55 -4.11
C ARG A 172 9.67 5.18 -2.73
N TYR A 173 8.82 6.21 -2.70
CA TYR A 173 8.39 6.92 -1.50
C TYR A 173 9.46 7.12 -0.41
N MET A 174 10.55 7.76 -0.79
CA MET A 174 11.56 8.18 0.17
C MET A 174 11.88 9.65 -0.03
N GLU A 175 12.25 10.33 1.04
CA GLU A 175 12.61 11.74 0.97
C GLU A 175 14.04 11.93 1.43
N VAL A 176 14.65 13.06 1.06
CA VAL A 176 15.97 13.38 1.57
C VAL A 176 16.00 14.74 2.26
N GLU A 177 16.92 14.87 3.21
CA GLU A 177 17.18 16.14 3.86
C GLU A 177 18.66 16.41 3.71
N ILE A 178 19.02 17.65 3.42
CA ILE A 178 20.43 17.98 3.29
C ILE A 178 20.84 18.96 4.38
N LYS A 179 21.71 18.50 5.27
CA LYS A 179 22.23 19.33 6.34
C LYS A 179 23.58 19.91 5.93
N LYS A 180 24.26 20.53 6.88
CA LYS A 180 25.54 21.17 6.60
C LYS A 180 26.61 20.18 6.15
N ASP A 181 26.56 18.97 6.67
CA ASP A 181 27.62 18.01 6.46
C ASP A 181 27.13 16.62 6.07
N LYS A 182 25.80 16.44 6.02
CA LYS A 182 25.25 15.12 5.75
C LYS A 182 23.94 15.14 4.97
N ILE A 183 23.65 14.02 4.32
CA ILE A 183 22.35 13.80 3.68
C ILE A 183 21.55 12.79 4.51
N ILE A 184 20.32 13.14 4.82
CA ILE A 184 19.46 12.24 5.59
C ILE A 184 18.31 11.72 4.73
N GLY A 185 18.22 10.40 4.61
CA GLY A 185 17.16 9.78 3.84
C GLY A 185 16.17 9.06 4.72
N LYS A 186 14.88 9.26 4.44
CA LYS A 186 13.82 8.67 5.24
C LYS A 186 12.73 8.08 4.35
N SER A 187 12.25 6.89 4.71
CA SER A 187 11.08 6.32 4.06
C SER A 187 9.84 7.16 4.37
N LEU A 188 8.98 7.34 3.38
CA LEU A 188 7.75 8.09 3.58
C LEU A 188 6.61 7.20 4.04
N ASP A 189 6.86 5.89 4.08
CA ASP A 189 5.84 4.92 4.49
C ASP A 189 6.00 4.58 5.97
N PRO A 190 5.09 5.10 6.81
CA PRO A 190 5.11 4.86 8.27
C PRO A 190 4.89 3.39 8.61
N ARG A 191 4.35 2.62 7.67
CA ARG A 191 4.13 1.19 7.88
C ARG A 191 5.44 0.41 8.01
N GLU A 192 6.52 0.98 7.49
CA GLU A 192 7.81 0.30 7.49
C GLU A 192 8.53 0.44 8.83
N GLY A 193 8.00 1.29 9.70
CA GLY A 193 8.46 1.36 11.08
C GLY A 193 9.57 2.35 11.36
N GLY A 194 9.80 3.29 10.44
CA GLY A 194 10.81 4.31 10.64
C GLY A 194 12.17 3.93 10.10
N LEU A 195 12.21 3.56 8.83
CA LEU A 195 13.47 3.21 8.19
C LEU A 195 14.14 4.47 7.67
N TYR A 196 15.45 4.57 7.91
CA TYR A 196 16.18 5.79 7.57
C TYR A 196 17.65 5.53 7.31
N GLY A 197 18.34 6.53 6.78
CA GLY A 197 19.76 6.43 6.53
C GLY A 197 20.46 7.77 6.72
N GLU A 198 21.79 7.73 6.81
CA GLU A 198 22.57 8.94 6.99
C GLU A 198 23.97 8.78 6.41
N VAL A 199 24.39 9.77 5.63
CA VAL A 199 25.70 9.74 4.99
C VAL A 199 26.36 11.11 5.06
N LYS A 200 27.54 11.16 5.68
CA LYS A 200 28.32 12.40 5.74
C LYS A 200 28.93 12.71 4.37
N THR A 201 28.84 13.98 4.00
CA THR A 201 29.40 14.44 2.73
C THR A 201 29.63 15.95 2.73
N GLU A 202 30.57 16.39 1.91
CA GLU A 202 30.81 17.83 1.74
C GLU A 202 29.77 18.40 0.80
N VAL A 203 29.04 19.40 1.26
CA VAL A 203 27.97 20.00 0.48
C VAL A 203 28.44 21.25 -0.26
N PRO A 204 28.46 21.20 -1.60
CA PRO A 204 28.87 22.36 -2.40
C PRO A 204 27.95 23.55 -2.16
N GLN A 205 28.50 24.75 -2.30
CA GLN A 205 27.73 25.97 -2.12
C GLN A 205 27.30 26.59 -3.45
N GLY A 206 26.36 27.51 -3.39
CA GLY A 206 25.85 28.14 -4.60
C GLY A 206 24.98 27.18 -5.38
N ILE A 207 24.32 26.28 -4.66
CA ILE A 207 23.38 25.34 -5.26
C ILE A 207 22.02 25.47 -4.60
N LYS A 208 20.96 25.23 -5.39
CA LYS A 208 19.61 25.17 -4.84
C LYS A 208 18.98 23.82 -5.17
N TRP A 209 18.28 23.24 -4.21
CA TRP A 209 17.66 21.95 -4.44
C TRP A 209 16.19 21.94 -4.04
N GLU A 210 15.43 21.11 -4.72
CA GLU A 210 13.99 21.00 -4.50
C GLU A 210 13.56 19.55 -4.54
N LEU A 211 12.57 19.20 -3.73
CA LEU A 211 12.05 17.83 -3.72
C LEU A 211 10.55 17.84 -4.00
N TYR A 212 10.14 17.07 -5.02
CA TYR A 212 8.74 17.04 -5.42
C TYR A 212 8.39 15.72 -6.11
N PRO A 213 7.08 15.39 -6.16
CA PRO A 213 6.62 14.13 -6.79
C PRO A 213 6.91 14.04 -8.29
N ASN A 214 7.36 12.87 -8.73
CA ASN A 214 7.40 12.55 -10.15
C ASN A 214 5.97 12.47 -10.67
N PRO A 215 5.58 13.41 -11.54
CA PRO A 215 4.19 13.50 -12.02
C PRO A 215 3.77 12.28 -12.85
N LEU A 216 4.74 11.52 -13.34
CA LEU A 216 4.44 10.37 -14.19
C LEU A 216 4.56 9.05 -13.43
N VAL A 217 5.12 9.10 -12.23
CA VAL A 217 5.30 7.91 -11.40
C VAL A 217 4.88 8.17 -9.96
N ARG A 218 3.62 7.87 -9.64
CA ARG A 218 3.07 8.11 -8.31
C ARG A 218 3.91 7.43 -7.21
N ARG A 219 4.06 8.13 -6.09
CA ARG A 219 4.81 7.65 -4.93
C ARG A 219 6.32 7.57 -5.16
N PHE A 220 6.77 8.17 -6.26
CA PHE A 220 8.20 8.35 -6.50
C PHE A 220 8.55 9.83 -6.51
N MET A 221 9.54 10.22 -5.71
CA MET A 221 9.94 11.62 -5.62
C MET A 221 11.07 11.97 -6.59
N VAL A 222 11.20 13.26 -6.90
CA VAL A 222 12.25 13.76 -7.76
C VAL A 222 13.15 14.75 -7.00
N PHE A 223 14.46 14.54 -7.10
CA PHE A 223 15.42 15.49 -6.54
C PHE A 223 16.03 16.34 -7.65
N GLU A 224 15.82 17.66 -7.57
CA GLU A 224 16.34 18.57 -8.59
C GLU A 224 17.34 19.54 -7.98
N ILE A 225 18.48 19.71 -8.64
CA ILE A 225 19.51 20.62 -8.16
C ILE A 225 20.09 21.46 -9.32
N THR A 226 20.37 22.73 -9.03
CA THR A 226 20.91 23.64 -10.03
C THR A 226 22.03 24.50 -9.43
N SER A 227 22.62 25.36 -10.26
CA SER A 227 23.66 26.27 -9.79
C SER A 227 23.17 27.72 -9.78
N MET C 1 6.82 20.15 -16.84
CA MET C 1 5.72 19.56 -17.58
C MET C 1 4.39 20.21 -17.20
N ARG C 2 3.49 20.33 -18.17
CA ARG C 2 2.15 20.81 -17.89
C ARG C 2 1.13 19.77 -18.33
N ILE C 3 0.40 19.22 -17.37
CA ILE C 3 -0.49 18.10 -17.63
C ILE C 3 -1.94 18.41 -17.26
N VAL C 4 -2.85 18.04 -18.15
CA VAL C 4 -4.28 18.06 -17.84
C VAL C 4 -4.75 16.64 -17.54
N ALA C 5 -5.45 16.47 -16.42
CA ALA C 5 -5.97 15.16 -16.05
C ALA C 5 -7.42 15.26 -15.64
N ALA C 6 -8.17 14.17 -15.79
CA ALA C 6 -9.57 14.15 -15.45
C ALA C 6 -9.95 12.86 -14.73
N ASP C 7 -10.81 12.97 -13.72
CA ASP C 7 -11.31 11.80 -13.02
C ASP C 7 -12.74 11.99 -12.52
N THR C 8 -13.48 10.89 -12.42
CA THR C 8 -14.78 10.90 -11.77
C THR C 8 -14.66 10.20 -10.41
N GLY C 9 -15.20 10.82 -9.37
CA GLY C 9 -15.11 10.27 -8.04
C GLY C 9 -16.16 10.82 -7.09
N GLY C 10 -16.29 10.19 -5.93
CA GLY C 10 -17.29 10.57 -4.96
C GLY C 10 -18.61 9.89 -5.26
N ALA C 11 -19.20 9.27 -4.25
CA ALA C 11 -20.44 8.53 -4.44
C ALA C 11 -21.42 8.75 -3.30
N VAL C 12 -22.69 8.88 -3.63
CA VAL C 12 -23.76 8.88 -2.63
C VAL C 12 -23.98 7.45 -2.13
N LEU C 13 -23.92 7.28 -0.82
CA LEU C 13 -24.10 5.98 -0.21
C LEU C 13 -25.43 5.91 0.53
N ASP C 14 -26.05 4.73 0.56
CA ASP C 14 -27.20 4.53 1.43
C ASP C 14 -26.68 4.22 2.84
N GLU C 15 -27.58 3.98 3.78
CA GLU C 15 -27.18 3.80 5.16
C GLU C 15 -26.55 2.42 5.39
N SER C 16 -26.54 1.60 4.34
CA SER C 16 -25.81 0.34 4.36
C SER C 16 -24.48 0.51 3.62
N PHE C 17 -24.13 1.77 3.38
CA PHE C 17 -22.87 2.16 2.74
C PHE C 17 -22.69 1.64 1.32
N GLN C 18 -23.79 1.21 0.70
CA GLN C 18 -23.77 0.83 -0.71
C GLN C 18 -23.88 2.05 -1.62
N PRO C 19 -22.98 2.17 -2.60
CA PRO C 19 -22.99 3.31 -3.53
C PRO C 19 -24.25 3.37 -4.39
N VAL C 20 -24.82 4.57 -4.51
CA VAL C 20 -26.04 4.78 -5.28
C VAL C 20 -25.71 5.38 -6.65
N GLY C 21 -24.86 6.39 -6.66
CA GLY C 21 -24.42 7.02 -7.90
C GLY C 21 -23.20 7.88 -7.69
N LEU C 22 -22.44 8.12 -8.76
CA LEU C 22 -21.26 8.97 -8.68
C LEU C 22 -21.67 10.44 -8.73
N ILE C 23 -20.79 11.31 -8.22
CA ILE C 23 -21.15 12.71 -8.05
C ILE C 23 -20.40 13.65 -8.98
N ALA C 24 -19.08 13.76 -8.80
CA ALA C 24 -18.31 14.79 -9.48
C ALA C 24 -17.32 14.25 -10.51
N THR C 25 -17.30 14.87 -11.68
CA THR C 25 -16.26 14.65 -12.66
C THR C 25 -15.42 15.93 -12.74
N VAL C 26 -14.11 15.78 -12.54
CA VAL C 26 -13.23 16.95 -12.46
C VAL C 26 -12.03 16.83 -13.41
N ALA C 27 -11.78 17.90 -14.16
CA ALA C 27 -10.55 18.00 -14.94
C ALA C 27 -9.65 19.06 -14.35
N VAL C 28 -8.37 18.72 -14.18
CA VAL C 28 -7.43 19.63 -13.55
C VAL C 28 -6.22 19.95 -14.41
N LEU C 29 -5.67 21.15 -14.26
CA LEU C 29 -4.37 21.47 -14.81
C LEU C 29 -3.33 21.36 -13.70
N VAL C 30 -2.31 20.54 -13.92
CA VAL C 30 -1.28 20.34 -12.91
C VAL C 30 0.10 20.70 -13.43
N GLU C 31 0.79 21.56 -12.70
CA GLU C 31 2.13 21.98 -13.05
C GLU C 31 3.08 21.75 -11.89
N LYS C 32 4.38 21.91 -12.13
CA LYS C 32 5.39 21.82 -11.09
C LYS C 32 5.03 22.73 -9.91
N PRO C 33 5.20 22.25 -8.67
CA PRO C 33 5.82 20.99 -8.23
C PRO C 33 4.86 19.80 -8.13
N TYR C 34 3.76 19.82 -8.87
CA TYR C 34 2.89 18.66 -9.02
C TYR C 34 2.30 18.15 -7.70
N LYS C 35 1.91 19.06 -6.81
CA LYS C 35 1.30 18.68 -5.55
C LYS C 35 -0.20 19.01 -5.53
N THR C 36 -0.59 19.95 -6.39
CA THR C 36 -1.98 20.42 -6.41
C THR C 36 -2.38 20.95 -7.78
N SER C 37 -3.56 21.55 -7.85
CA SER C 37 -4.05 22.16 -9.07
C SER C 37 -4.75 23.48 -8.75
N LYS C 38 -4.40 24.53 -9.49
CA LYS C 38 -5.00 25.84 -9.27
C LYS C 38 -5.99 26.19 -10.38
N ARG C 39 -6.09 25.31 -11.37
CA ARG C 39 -6.96 25.53 -12.52
C ARG C 39 -7.71 24.25 -12.85
N PHE C 40 -9.03 24.28 -12.73
CA PHE C 40 -9.82 23.07 -12.86
C PHE C 40 -11.27 23.33 -13.25
N LEU C 41 -11.91 22.32 -13.83
CA LEU C 41 -13.32 22.36 -14.16
C LEU C 41 -14.05 21.23 -13.45
N VAL C 42 -15.35 21.40 -13.22
CA VAL C 42 -16.13 20.35 -12.59
C VAL C 42 -17.46 20.14 -13.31
N LYS C 43 -17.86 18.89 -13.45
CA LYS C 43 -19.16 18.55 -14.00
C LYS C 43 -19.89 17.61 -13.06
N TYR C 44 -21.07 18.04 -12.60
CA TYR C 44 -21.83 17.24 -11.65
C TYR C 44 -22.77 16.28 -12.36
N ALA C 45 -22.90 15.08 -11.81
CA ALA C 45 -23.87 14.11 -12.30
C ALA C 45 -25.04 14.05 -11.33
N ASP C 46 -26.09 13.33 -11.73
CA ASP C 46 -27.18 13.05 -10.81
C ASP C 46 -26.99 11.66 -10.23
N PRO C 47 -26.56 11.58 -8.97
CA PRO C 47 -26.27 10.30 -8.31
C PRO C 47 -27.51 9.41 -8.23
N TYR C 48 -28.68 10.02 -8.20
CA TYR C 48 -29.92 9.28 -8.02
C TYR C 48 -30.48 8.77 -9.35
N ASN C 49 -29.92 9.24 -10.45
CA ASN C 49 -30.20 8.66 -11.76
C ASN C 49 -28.90 8.34 -12.48
N TYR C 50 -28.05 7.59 -11.79
CA TYR C 50 -26.72 7.24 -12.29
C TYR C 50 -26.61 5.73 -12.42
N ASP C 51 -26.02 5.27 -13.53
CA ASP C 51 -25.84 3.85 -13.77
C ASP C 51 -24.38 3.46 -13.51
N LEU C 52 -24.14 2.74 -12.41
CA LEU C 52 -22.79 2.32 -12.04
C LEU C 52 -22.27 1.27 -13.02
N SER C 53 -23.18 0.48 -13.57
CA SER C 53 -22.82 -0.52 -14.57
C SER C 53 -22.29 0.15 -15.83
N GLY C 54 -22.88 1.30 -16.18
CA GLY C 54 -22.44 2.04 -17.34
C GLY C 54 -21.10 2.69 -17.14
N ARG C 55 -20.47 3.11 -18.23
CA ARG C 55 -19.16 3.74 -18.17
C ARG C 55 -19.22 5.15 -18.77
N GLN C 56 -20.24 5.90 -18.38
CA GLN C 56 -20.38 7.28 -18.81
C GLN C 56 -19.25 8.13 -18.22
N ALA C 57 -18.87 7.79 -16.99
CA ALA C 57 -17.80 8.47 -16.25
C ALA C 57 -16.56 8.78 -17.11
N ILE C 58 -16.07 7.77 -17.81
CA ILE C 58 -14.85 7.93 -18.59
C ILE C 58 -15.11 8.79 -19.83
N ARG C 59 -16.37 8.83 -20.26
CA ARG C 59 -16.77 9.67 -21.39
C ARG C 59 -16.89 11.12 -20.93
N ASP C 60 -17.36 11.30 -19.71
CA ASP C 60 -17.41 12.62 -19.09
C ASP C 60 -15.99 13.13 -18.87
N GLU C 61 -15.11 12.22 -18.46
CA GLU C 61 -13.71 12.54 -18.21
C GLU C 61 -13.02 13.08 -19.45
N ILE C 62 -13.08 12.31 -20.54
CA ILE C 62 -12.38 12.65 -21.76
C ILE C 62 -12.96 13.93 -22.39
N GLU C 63 -14.25 14.18 -22.19
CA GLU C 63 -14.87 15.41 -22.66
C GLU C 63 -14.36 16.61 -21.90
N LEU C 64 -14.39 16.52 -20.58
CA LEU C 64 -14.02 17.62 -19.71
C LEU C 64 -12.54 17.93 -19.79
N ALA C 65 -11.73 16.89 -19.96
CA ALA C 65 -10.28 17.06 -20.08
C ALA C 65 -9.94 17.81 -21.37
N ILE C 66 -10.64 17.48 -22.45
CA ILE C 66 -10.45 18.15 -23.72
C ILE C 66 -10.88 19.62 -23.64
N GLU C 67 -12.02 19.86 -22.99
CA GLU C 67 -12.54 21.21 -22.81
C GLU C 67 -11.53 22.09 -22.07
N LEU C 68 -10.90 21.53 -21.06
CA LEU C 68 -9.90 22.26 -20.29
C LEU C 68 -8.61 22.40 -21.08
N ALA C 69 -8.25 21.36 -21.83
CA ALA C 69 -7.02 21.36 -22.62
C ALA C 69 -7.05 22.44 -23.70
N ARG C 70 -8.25 22.71 -24.23
CA ARG C 70 -8.41 23.73 -25.25
C ARG C 70 -8.23 25.14 -24.69
N GLU C 71 -8.22 25.26 -23.37
CA GLU C 71 -8.05 26.56 -22.73
C GLU C 71 -6.61 26.80 -22.26
N VAL C 72 -5.95 25.75 -21.79
CA VAL C 72 -4.65 25.89 -21.15
C VAL C 72 -3.49 25.30 -21.95
N SER C 73 -3.80 24.58 -23.03
CA SER C 73 -2.80 24.00 -23.91
C SER C 73 -1.71 23.21 -23.16
N PRO C 74 -2.07 22.06 -22.60
CA PRO C 74 -1.09 21.25 -21.85
C PRO C 74 -0.17 20.46 -22.76
N ASP C 75 0.86 19.85 -22.18
CA ASP C 75 1.77 19.00 -22.94
C ASP C 75 1.12 17.66 -23.24
N VAL C 76 0.22 17.22 -22.36
CA VAL C 76 -0.39 15.91 -22.47
C VAL C 76 -1.64 15.81 -21.59
N ILE C 77 -2.56 14.94 -21.98
CA ILE C 77 -3.75 14.65 -21.19
C ILE C 77 -3.69 13.28 -20.54
N HIS C 78 -3.89 13.21 -19.23
CA HIS C 78 -3.93 11.94 -18.53
C HIS C 78 -5.36 11.50 -18.24
N LEU C 79 -5.74 10.35 -18.79
CA LEU C 79 -7.05 9.78 -18.53
C LEU C 79 -6.93 8.71 -17.46
N ASN C 80 -7.94 8.61 -16.59
CA ASN C 80 -7.88 7.69 -15.47
C ASN C 80 -8.29 6.26 -15.85
N SER C 81 -7.35 5.56 -16.50
CA SER C 81 -7.54 4.16 -16.82
C SER C 81 -6.17 3.50 -16.98
N THR C 82 -5.86 2.54 -16.11
CA THR C 82 -4.53 1.93 -16.09
C THR C 82 -4.37 0.92 -17.22
N LEU C 83 -3.90 1.39 -18.37
CA LEU C 83 -3.67 0.53 -19.52
C LEU C 83 -2.19 0.56 -19.92
N GLY C 84 -1.35 1.07 -19.04
CA GLY C 84 0.08 1.11 -19.29
C GLY C 84 0.54 2.35 -20.02
N GLY C 85 -0.30 3.37 -20.05
CA GLY C 85 0.05 4.64 -20.65
C GLY C 85 -0.07 4.66 -22.16
N ILE C 86 -0.96 3.83 -22.70
CA ILE C 86 -1.18 3.76 -24.13
C ILE C 86 -2.09 4.91 -24.60
N GLU C 87 -1.76 5.50 -25.75
CA GLU C 87 -2.57 6.58 -26.31
C GLU C 87 -3.92 6.06 -26.76
N VAL C 88 -4.99 6.75 -26.35
CA VAL C 88 -6.35 6.36 -26.69
C VAL C 88 -6.58 6.26 -28.20
N ARG C 89 -5.96 7.17 -28.95
CA ARG C 89 -6.12 7.20 -30.41
C ARG C 89 -5.52 5.97 -31.09
N LYS C 90 -4.71 5.22 -30.36
CA LYS C 90 -4.05 4.03 -30.91
C LYS C 90 -4.76 2.75 -30.45
N LEU C 91 -5.98 2.89 -29.95
CA LEU C 91 -6.71 1.75 -29.39
C LEU C 91 -7.54 0.99 -30.42
N ASP C 92 -7.00 -0.12 -30.90
CA ASP C 92 -7.76 -1.07 -31.69
C ASP C 92 -7.80 -2.39 -30.94
N GLU C 93 -8.66 -3.32 -31.39
CA GLU C 93 -8.82 -4.60 -30.71
C GLU C 93 -7.52 -5.38 -30.52
N SER C 94 -6.62 -5.29 -31.49
CA SER C 94 -5.34 -6.01 -31.44
C SER C 94 -4.50 -5.59 -30.24
N THR C 95 -4.41 -4.29 -30.00
CA THR C 95 -3.57 -3.78 -28.92
C THR C 95 -4.31 -3.86 -27.58
N ILE C 96 -5.63 -3.75 -27.64
CA ILE C 96 -6.45 -3.92 -26.44
C ILE C 96 -6.31 -5.33 -25.92
N ASP C 97 -6.39 -6.30 -26.83
CA ASP C 97 -6.25 -7.71 -26.47
C ASP C 97 -4.82 -7.99 -26.02
N ALA C 98 -3.91 -7.11 -26.41
CA ALA C 98 -2.50 -7.24 -26.07
C ALA C 98 -2.17 -6.51 -24.77
N LEU C 99 -3.18 -5.89 -24.17
CA LEU C 99 -2.98 -5.23 -22.88
C LEU C 99 -3.05 -6.29 -21.80
N GLN C 100 -2.25 -6.12 -20.76
CA GLN C 100 -2.26 -7.08 -19.67
C GLN C 100 -3.31 -6.68 -18.64
N ILE C 101 -4.55 -6.62 -19.11
CA ILE C 101 -5.70 -6.33 -18.26
C ILE C 101 -6.67 -7.51 -18.29
N SER C 102 -7.66 -7.51 -17.40
CA SER C 102 -8.64 -8.58 -17.34
C SER C 102 -9.46 -8.68 -18.62
N ASP C 103 -10.11 -9.83 -18.82
CA ASP C 103 -10.95 -10.03 -20.00
C ASP C 103 -12.16 -9.11 -19.99
N ARG C 104 -12.60 -8.72 -18.79
CA ARG C 104 -13.73 -7.80 -18.67
C ARG C 104 -13.30 -6.39 -19.06
N GLY C 105 -12.09 -6.03 -18.67
CA GLY C 105 -11.50 -4.76 -19.05
C GLY C 105 -11.38 -4.61 -20.56
N LYS C 106 -10.96 -5.68 -21.22
CA LYS C 106 -10.82 -5.69 -22.67
C LYS C 106 -12.17 -5.51 -23.37
N GLU C 107 -13.18 -6.24 -22.91
CA GLU C 107 -14.53 -6.14 -23.46
C GLU C 107 -15.07 -4.72 -23.37
N ILE C 108 -14.94 -4.12 -22.20
CA ILE C 108 -15.41 -2.75 -21.97
C ILE C 108 -14.71 -1.75 -22.89
N TRP C 109 -13.39 -1.89 -23.01
CA TRP C 109 -12.60 -0.93 -23.76
C TRP C 109 -12.72 -1.12 -25.27
N LYS C 110 -13.05 -2.32 -25.71
CA LYS C 110 -13.30 -2.55 -27.12
C LYS C 110 -14.58 -1.83 -27.55
N GLU C 111 -15.51 -1.66 -26.62
CA GLU C 111 -16.75 -0.97 -26.89
C GLU C 111 -16.55 0.53 -26.75
N LEU C 112 -15.69 0.93 -25.81
CA LEU C 112 -15.35 2.33 -25.60
C LEU C 112 -14.59 2.91 -26.80
N SER C 113 -13.77 2.08 -27.41
CA SER C 113 -12.92 2.50 -28.53
C SER C 113 -13.72 3.05 -29.71
N LYS C 114 -14.95 2.59 -29.86
CA LYS C 114 -15.80 2.98 -30.98
C LYS C 114 -16.00 4.48 -31.06
N ASP C 115 -16.13 5.12 -29.89
CA ASP C 115 -16.31 6.57 -29.82
C ASP C 115 -15.01 7.27 -29.42
N LEU C 116 -14.29 6.70 -28.46
CA LEU C 116 -13.16 7.37 -27.83
C LEU C 116 -11.91 7.44 -28.70
N GLN C 117 -11.68 6.41 -29.52
CA GLN C 117 -10.51 6.39 -30.39
C GLN C 117 -10.56 7.44 -31.50
N PRO C 118 -11.71 7.58 -32.20
CA PRO C 118 -11.75 8.67 -33.18
C PRO C 118 -11.68 10.04 -32.52
N LEU C 119 -12.28 10.17 -31.35
CA LEU C 119 -12.27 11.42 -30.60
C LEU C 119 -10.85 11.85 -30.23
N ALA C 120 -10.04 10.88 -29.82
CA ALA C 120 -8.66 11.17 -29.44
C ALA C 120 -7.78 11.45 -30.65
N LYS C 121 -8.06 10.76 -31.75
CA LYS C 121 -7.29 10.95 -32.98
C LYS C 121 -7.55 12.31 -33.59
N LYS C 122 -8.80 12.74 -33.58
CA LYS C 122 -9.18 14.05 -34.10
C LYS C 122 -8.57 15.17 -33.26
N PHE C 123 -8.58 14.99 -31.95
CA PHE C 123 -8.03 15.99 -31.04
C PHE C 123 -6.52 16.12 -31.19
N TRP C 124 -5.87 14.99 -31.48
CA TRP C 124 -4.43 14.96 -31.67
C TRP C 124 -4.04 15.62 -32.99
N GLU C 125 -4.90 15.48 -34.00
CA GLU C 125 -4.65 16.10 -35.30
C GLU C 125 -4.82 17.60 -35.22
N GLU C 126 -5.69 18.06 -34.33
CA GLU C 126 -5.88 19.49 -34.09
C GLU C 126 -4.73 20.11 -33.31
N THR C 127 -4.47 19.56 -32.13
CA THR C 127 -3.60 20.20 -31.15
C THR C 127 -2.24 19.53 -30.97
N GLY C 128 -2.12 18.28 -31.40
CA GLY C 128 -0.89 17.54 -31.22
C GLY C 128 -0.75 16.97 -29.81
N ILE C 129 -1.80 17.14 -29.02
CA ILE C 129 -1.81 16.68 -27.64
C ILE C 129 -2.30 15.24 -27.54
N GLU C 130 -1.46 14.37 -26.98
CA GLU C 130 -1.83 12.97 -26.79
C GLU C 130 -2.78 12.79 -25.60
N ILE C 131 -3.66 11.81 -25.71
CA ILE C 131 -4.51 11.41 -24.59
C ILE C 131 -4.13 10.00 -24.18
N ILE C 132 -3.40 9.86 -23.08
CA ILE C 132 -2.90 8.55 -22.68
C ILE C 132 -3.68 7.97 -21.49
N ALA C 133 -3.91 6.67 -21.55
CA ALA C 133 -4.56 5.97 -20.45
C ALA C 133 -3.51 5.45 -19.49
N ILE C 134 -3.23 6.23 -18.46
CA ILE C 134 -2.13 5.93 -17.53
C ILE C 134 -2.67 5.53 -16.16
N GLY C 135 -3.78 6.13 -15.75
CA GLY C 135 -4.46 5.76 -14.52
C GLY C 135 -3.64 5.91 -13.24
N LYS C 136 -3.46 4.79 -12.54
CA LYS C 136 -2.85 4.78 -11.21
C LYS C 136 -1.42 5.31 -11.16
N SER C 137 -0.73 5.29 -12.29
CA SER C 137 0.67 5.72 -12.33
C SER C 137 0.82 7.24 -12.35
N SER C 138 -0.27 7.94 -12.67
CA SER C 138 -0.25 9.39 -12.81
C SER C 138 -0.55 10.15 -11.53
N VAL C 139 0.26 11.17 -11.24
CA VAL C 139 0.00 12.06 -10.11
C VAL C 139 -1.11 13.08 -10.40
N PRO C 140 -1.12 13.70 -11.60
CA PRO C 140 -2.25 14.58 -11.92
C PRO C 140 -3.63 13.91 -11.80
N VAL C 141 -3.70 12.63 -12.16
CA VAL C 141 -4.95 11.88 -12.01
C VAL C 141 -5.36 11.79 -10.54
N ARG C 142 -4.39 11.51 -9.68
CA ARG C 142 -4.65 11.44 -8.25
C ARG C 142 -5.07 12.81 -7.72
N ILE C 143 -4.45 13.86 -8.24
CA ILE C 143 -4.83 15.22 -7.89
C ILE C 143 -6.26 15.48 -8.34
N ALA C 144 -6.59 15.03 -9.55
CA ALA C 144 -7.95 15.11 -10.06
C ALA C 144 -8.92 14.29 -9.21
N GLU C 145 -8.44 13.13 -8.75
CA GLU C 145 -9.24 12.25 -7.92
C GLU C 145 -9.54 12.91 -6.57
N ILE C 146 -8.56 13.61 -6.03
CA ILE C 146 -8.72 14.34 -4.77
C ILE C 146 -9.78 15.43 -4.92
N TYR C 147 -9.72 16.15 -6.03
CA TYR C 147 -10.68 17.22 -6.30
C TYR C 147 -12.09 16.67 -6.52
N ALA C 148 -12.17 15.46 -7.06
CA ALA C 148 -13.46 14.79 -7.21
C ALA C 148 -14.10 14.60 -5.84
N GLY C 149 -13.27 14.33 -4.85
CA GLY C 149 -13.73 14.22 -3.47
C GLY C 149 -14.17 15.55 -2.92
N ILE C 150 -13.38 16.59 -3.19
CA ILE C 150 -13.67 17.93 -2.69
C ILE C 150 -14.99 18.47 -3.26
N PHE C 151 -15.20 18.27 -4.55
CA PHE C 151 -16.41 18.76 -5.20
C PHE C 151 -17.61 17.91 -4.82
N SER C 152 -17.36 16.67 -4.43
CA SER C 152 -18.40 15.79 -3.93
C SER C 152 -18.89 16.27 -2.57
N VAL C 153 -17.95 16.70 -1.73
CA VAL C 153 -18.26 17.29 -0.44
C VAL C 153 -19.05 18.58 -0.62
N LYS C 154 -18.63 19.39 -1.58
CA LYS C 154 -19.32 20.64 -1.91
C LYS C 154 -20.75 20.35 -2.36
N TRP C 155 -20.90 19.33 -3.21
CA TRP C 155 -22.22 18.91 -3.67
C TRP C 155 -23.12 18.57 -2.49
N ALA C 156 -22.55 17.87 -1.50
CA ALA C 156 -23.27 17.51 -0.30
C ALA C 156 -23.65 18.75 0.50
N LEU C 157 -22.71 19.69 0.60
CA LEU C 157 -22.95 20.96 1.29
C LEU C 157 -24.12 21.71 0.66
N ASP C 158 -24.16 21.72 -0.67
CA ASP C 158 -25.17 22.47 -1.40
C ASP C 158 -26.52 21.75 -1.45
N ASN C 159 -26.52 20.46 -1.20
CA ASN C 159 -27.76 19.67 -1.33
C ASN C 159 -28.22 19.00 -0.05
N VAL C 160 -27.62 19.36 1.08
CA VAL C 160 -27.95 18.71 2.34
C VAL C 160 -29.29 19.19 2.90
N LYS C 161 -29.62 20.46 2.71
CA LYS C 161 -30.81 21.03 3.33
C LYS C 161 -32.08 20.66 2.58
N GLU C 162 -31.94 20.16 1.36
CA GLU C 162 -33.08 19.66 0.60
C GLU C 162 -33.26 18.16 0.82
N LYS C 163 -32.18 17.48 1.18
CA LYS C 163 -32.20 16.04 1.38
C LYS C 163 -32.10 15.64 2.85
N GLY C 164 -31.78 16.61 3.70
CA GLY C 164 -31.76 16.41 5.14
C GLY C 164 -30.94 15.24 5.65
N GLY C 165 -29.84 14.93 4.97
CA GLY C 165 -28.98 13.83 5.37
C GLY C 165 -28.35 13.13 4.19
N LEU C 166 -27.01 13.09 4.17
CA LEU C 166 -26.29 12.50 3.05
C LEU C 166 -25.04 11.74 3.49
N LEU C 167 -24.87 10.54 2.94
CA LEU C 167 -23.62 9.81 3.09
C LEU C 167 -22.84 9.89 1.79
N VAL C 168 -21.68 10.54 1.83
CA VAL C 168 -20.85 10.66 0.65
C VAL C 168 -19.57 9.85 0.79
N GLY C 169 -19.41 8.85 -0.06
CA GLY C 169 -18.20 8.06 -0.11
C GLY C 169 -17.12 8.75 -0.91
N LEU C 170 -16.03 9.12 -0.25
CA LEU C 170 -14.93 9.79 -0.91
C LEU C 170 -14.05 8.79 -1.67
N PRO C 171 -13.24 9.29 -2.61
CA PRO C 171 -12.20 8.44 -3.23
C PRO C 171 -11.18 7.92 -2.21
N ARG C 172 -10.32 7.01 -2.65
CA ARG C 172 -9.44 6.25 -1.76
C ARG C 172 -8.50 7.11 -0.91
N TYR C 173 -8.49 6.80 0.39
CA TYR C 173 -7.62 7.41 1.40
C TYR C 173 -7.36 8.91 1.22
N MET C 174 -8.44 9.67 1.18
CA MET C 174 -8.35 11.12 1.20
C MET C 174 -9.27 11.68 2.28
N GLU C 175 -8.89 12.82 2.83
CA GLU C 175 -9.68 13.48 3.86
C GLU C 175 -10.08 14.88 3.40
N VAL C 176 -11.11 15.44 4.01
CA VAL C 176 -11.47 16.82 3.75
C VAL C 176 -11.52 17.63 5.04
N GLU C 177 -11.26 18.92 4.91
CA GLU C 177 -11.39 19.86 6.00
C GLU C 177 -12.29 20.99 5.54
N ILE C 178 -13.19 21.44 6.41
CA ILE C 178 -14.09 22.52 6.02
C ILE C 178 -13.80 23.79 6.83
N LYS C 179 -13.33 24.81 6.13
CA LYS C 179 -13.07 26.10 6.75
C LYS C 179 -14.27 27.00 6.52
N LYS C 180 -14.13 28.28 6.86
CA LYS C 180 -15.23 29.23 6.75
C LYS C 180 -15.65 29.46 5.29
N ASP C 181 -14.69 29.38 4.38
CA ASP C 181 -14.95 29.78 2.99
C ASP C 181 -14.46 28.78 1.94
N LYS C 182 -13.82 27.69 2.39
CA LYS C 182 -13.23 26.75 1.45
C LYS C 182 -13.24 25.31 1.95
N ILE C 183 -13.18 24.37 1.02
CA ILE C 183 -12.98 22.96 1.35
C ILE C 183 -11.56 22.54 0.99
N ILE C 184 -10.87 21.92 1.94
CA ILE C 184 -9.51 21.45 1.71
C ILE C 184 -9.42 19.93 1.70
N GLY C 185 -8.91 19.39 0.60
CA GLY C 185 -8.76 17.96 0.46
C GLY C 185 -7.30 17.53 0.51
N LYS C 186 -7.03 16.46 1.24
CA LYS C 186 -5.67 15.97 1.41
C LYS C 186 -5.60 14.46 1.25
N SER C 187 -4.58 13.99 0.54
CA SER C 187 -4.30 12.56 0.51
C SER C 187 -3.87 12.11 1.89
N LEU C 188 -4.34 10.94 2.32
CA LEU C 188 -3.94 10.40 3.61
C LEU C 188 -2.66 9.58 3.48
N ASP C 189 -2.21 9.40 2.24
CA ASP C 189 -1.02 8.62 1.97
C ASP C 189 0.21 9.51 1.84
N PRO C 190 1.08 9.51 2.86
CA PRO C 190 2.30 10.34 2.85
C PRO C 190 3.27 9.92 1.75
N ARG C 191 3.10 8.71 1.23
CA ARG C 191 3.95 8.20 0.16
C ARG C 191 3.76 8.97 -1.13
N GLU C 192 2.63 9.64 -1.27
CA GLU C 192 2.31 10.34 -2.50
C GLU C 192 2.97 11.72 -2.54
N GLY C 193 3.57 12.12 -1.42
CA GLY C 193 4.42 13.29 -1.37
C GLY C 193 3.73 14.59 -0.99
N GLY C 194 2.54 14.51 -0.42
CA GLY C 194 1.83 15.69 0.03
C GLY C 194 0.90 16.25 -1.03
N LEU C 195 0.02 15.40 -1.55
CA LEU C 195 -0.95 15.82 -2.56
C LEU C 195 -2.20 16.40 -1.91
N TYR C 196 -2.68 17.52 -2.43
CA TYR C 196 -3.81 18.22 -1.83
C TYR C 196 -4.57 19.05 -2.87
N GLY C 197 -5.75 19.53 -2.47
CA GLY C 197 -6.54 20.40 -3.32
C GLY C 197 -7.27 21.41 -2.46
N GLU C 198 -7.81 22.46 -3.10
CA GLU C 198 -8.52 23.50 -2.36
C GLU C 198 -9.56 24.18 -3.24
N VAL C 199 -10.79 24.31 -2.73
CA VAL C 199 -11.88 24.90 -3.49
C VAL C 199 -12.76 25.85 -2.66
N LYS C 200 -12.89 27.09 -3.11
CA LYS C 200 -13.77 28.06 -2.45
C LYS C 200 -15.24 27.74 -2.64
N THR C 201 -16.01 27.86 -1.56
CA THR C 201 -17.46 27.66 -1.61
C THR C 201 -18.10 28.33 -0.40
N GLU C 202 -19.35 28.75 -0.53
CA GLU C 202 -20.06 29.26 0.63
C GLU C 202 -20.57 28.08 1.44
N VAL C 203 -20.21 28.04 2.72
CA VAL C 203 -20.56 26.92 3.58
C VAL C 203 -21.83 27.21 4.35
N PRO C 204 -22.89 26.43 4.08
CA PRO C 204 -24.19 26.59 4.75
C PRO C 204 -24.08 26.45 6.27
N GLN C 205 -24.95 27.14 6.99
CA GLN C 205 -24.95 27.08 8.45
C GLN C 205 -26.02 26.10 8.94
N GLY C 206 -25.94 25.73 10.20
CA GLY C 206 -26.89 24.81 10.79
C GLY C 206 -26.72 23.40 10.28
N ILE C 207 -25.48 23.04 9.99
CA ILE C 207 -25.15 21.69 9.56
C ILE C 207 -24.09 21.05 10.45
N LYS C 208 -24.17 19.74 10.60
CA LYS C 208 -23.13 19.00 11.29
C LYS C 208 -22.56 17.95 10.34
N TRP C 209 -21.25 17.84 10.30
CA TRP C 209 -20.60 16.88 9.42
C TRP C 209 -19.56 16.06 10.17
N GLU C 210 -19.36 14.83 9.70
CA GLU C 210 -18.40 13.93 10.34
C GLU C 210 -17.64 13.15 9.28
N LEU C 211 -16.39 12.85 9.56
CA LEU C 211 -15.56 12.06 8.66
C LEU C 211 -15.06 10.82 9.38
N TYR C 212 -15.32 9.65 8.79
CA TYR C 212 -14.96 8.39 9.42
C TYR C 212 -14.76 7.29 8.37
N PRO C 213 -14.04 6.22 8.75
CA PRO C 213 -13.80 5.13 7.80
C PRO C 213 -15.07 4.41 7.35
N ASN C 214 -15.16 4.14 6.05
CA ASN C 214 -16.18 3.24 5.52
C ASN C 214 -15.92 1.82 6.02
N PRO C 215 -16.84 1.31 6.86
CA PRO C 215 -16.64 0.00 7.50
C PRO C 215 -16.61 -1.17 6.51
N LEU C 216 -17.13 -0.96 5.30
CA LEU C 216 -17.18 -2.05 4.32
C LEU C 216 -16.10 -1.93 3.25
N VAL C 217 -15.45 -0.76 3.19
CA VAL C 217 -14.37 -0.54 2.21
C VAL C 217 -13.19 0.14 2.89
N ARG C 218 -12.23 -0.67 3.35
CA ARG C 218 -11.06 -0.16 4.06
C ARG C 218 -10.28 0.87 3.24
N ARG C 219 -9.77 1.90 3.94
CA ARG C 219 -9.00 3.00 3.35
C ARG C 219 -9.86 3.95 2.52
N PHE C 220 -11.17 3.80 2.62
CA PHE C 220 -12.09 4.76 2.04
C PHE C 220 -12.84 5.47 3.15
N MET C 221 -12.84 6.80 3.14
CA MET C 221 -13.53 7.56 4.16
C MET C 221 -14.94 7.90 3.74
N VAL C 222 -15.81 8.17 4.72
CA VAL C 222 -17.18 8.58 4.45
C VAL C 222 -17.43 9.98 4.99
N PHE C 223 -18.01 10.83 4.16
CA PHE C 223 -18.42 12.15 4.60
C PHE C 223 -19.93 12.14 4.86
N GLU C 224 -20.30 12.39 6.11
CA GLU C 224 -21.70 12.39 6.50
C GLU C 224 -22.10 13.79 6.96
N ILE C 225 -23.22 14.27 6.44
CA ILE C 225 -23.70 15.60 6.81
C ILE C 225 -25.21 15.62 7.06
N THR C 226 -25.63 16.37 8.05
CA THR C 226 -27.04 16.48 8.40
C THR C 226 -27.41 17.93 8.72
N SER C 227 -28.68 18.16 9.03
CA SER C 227 -29.15 19.49 9.40
C SER C 227 -29.50 19.55 10.89
N MET E 1 -24.28 1.34 11.34
CA MET E 1 -24.15 -0.11 11.31
C MET E 1 -23.49 -0.62 12.58
N ARG E 2 -23.90 -1.82 13.01
CA ARG E 2 -23.25 -2.49 14.13
C ARG E 2 -22.75 -3.85 13.67
N ILE E 3 -21.42 -4.02 13.69
CA ILE E 3 -20.79 -5.21 13.13
C ILE E 3 -19.96 -5.96 14.17
N VAL E 4 -20.13 -7.27 14.21
CA VAL E 4 -19.23 -8.12 14.98
C VAL E 4 -18.24 -8.78 14.03
N ALA E 5 -16.95 -8.69 14.35
CA ALA E 5 -15.92 -9.27 13.51
C ALA E 5 -14.93 -10.06 14.36
N ALA E 6 -14.28 -11.04 13.75
CA ALA E 6 -13.32 -11.88 14.46
C ALA E 6 -12.07 -12.12 13.63
N ASP E 7 -10.93 -12.10 14.30
CA ASP E 7 -9.66 -12.43 13.67
C ASP E 7 -8.72 -13.13 14.63
N THR E 8 -7.86 -13.99 14.09
CA THR E 8 -6.77 -14.57 14.87
C THR E 8 -5.47 -13.92 14.42
N GLY E 9 -4.66 -13.48 15.38
CA GLY E 9 -3.42 -12.80 15.06
C GLY E 9 -2.44 -12.79 16.20
N GLY E 10 -1.20 -12.39 15.89
CA GLY E 10 -0.13 -12.40 16.86
C GLY E 10 0.51 -13.78 16.89
N ALA E 11 1.83 -13.81 16.80
CA ALA E 11 2.54 -15.09 16.75
C ALA E 11 3.81 -15.06 17.59
N VAL E 12 4.07 -16.17 18.27
CA VAL E 12 5.34 -16.35 18.95
C VAL E 12 6.42 -16.63 17.91
N LEU E 13 7.49 -15.87 17.95
CA LEU E 13 8.58 -16.05 17.00
C LEU E 13 9.79 -16.66 17.71
N ASP E 14 10.53 -17.49 16.98
CA ASP E 14 11.82 -17.94 17.47
C ASP E 14 12.87 -16.89 17.19
N GLU E 15 14.12 -17.20 17.52
CA GLU E 15 15.19 -16.20 17.42
C GLU E 15 15.59 -15.95 15.97
N SER E 16 15.03 -16.73 15.05
CA SER E 16 15.20 -16.49 13.63
C SER E 16 13.96 -15.83 13.03
N PHE E 17 13.10 -15.31 13.91
CA PHE E 17 11.87 -14.60 13.52
C PHE E 17 10.87 -15.48 12.75
N GLN E 18 11.08 -16.80 12.82
CA GLN E 18 10.11 -17.74 12.25
C GLN E 18 8.96 -17.96 13.22
N PRO E 19 7.72 -17.83 12.74
CA PRO E 19 6.54 -18.01 13.61
C PRO E 19 6.44 -19.43 14.17
N VAL E 20 6.14 -19.53 15.45
CA VAL E 20 6.03 -20.81 16.14
C VAL E 20 4.57 -21.21 16.29
N GLY E 21 3.74 -20.28 16.73
CA GLY E 21 2.31 -20.50 16.87
C GLY E 21 1.56 -19.19 17.03
N LEU E 22 0.27 -19.22 16.68
CA LEU E 22 -0.56 -18.02 16.84
C LEU E 22 -1.04 -17.89 18.29
N ILE E 23 -1.40 -16.68 18.69
CA ILE E 23 -1.69 -16.39 20.08
C ILE E 23 -3.15 -16.10 20.38
N ALA E 24 -3.66 -14.99 19.86
CA ALA E 24 -4.97 -14.49 20.26
C ALA E 24 -6.02 -14.53 19.15
N THR E 25 -7.21 -15.01 19.51
CA THR E 25 -8.39 -14.88 18.66
C THR E 25 -9.35 -13.90 19.32
N VAL E 26 -9.75 -12.87 18.57
CA VAL E 26 -10.54 -11.79 19.14
C VAL E 26 -11.81 -11.52 18.35
N ALA E 27 -12.93 -11.40 19.04
CA ALA E 27 -14.17 -10.95 18.43
C ALA E 27 -14.50 -9.54 18.94
N VAL E 28 -14.79 -8.63 18.01
CA VAL E 28 -15.07 -7.25 18.40
C VAL E 28 -16.44 -6.78 17.91
N LEU E 29 -17.06 -5.89 18.69
CA LEU E 29 -18.22 -5.16 18.22
C LEU E 29 -17.78 -3.79 17.76
N VAL E 30 -18.10 -3.44 16.52
CA VAL E 30 -17.68 -2.15 15.98
C VAL E 30 -18.88 -1.31 15.58
N GLU E 31 -18.91 -0.09 16.09
CA GLU E 31 -19.97 0.85 15.79
C GLU E 31 -19.37 2.15 15.27
N LYS E 32 -20.21 3.03 14.76
CA LYS E 32 -19.81 4.36 14.30
C LYS E 32 -19.03 5.07 15.41
N PRO E 33 -17.92 5.74 15.05
CA PRO E 33 -17.36 5.99 13.71
C PRO E 33 -16.41 4.91 13.19
N TYR E 34 -16.53 3.68 13.69
CA TYR E 34 -15.82 2.53 13.13
C TYR E 34 -14.29 2.67 13.16
N LYS E 35 -13.76 3.22 14.23
CA LYS E 35 -12.31 3.38 14.36
C LYS E 35 -11.74 2.41 15.39
N THR E 36 -12.60 1.94 16.29
CA THR E 36 -12.16 1.09 17.39
C THR E 36 -13.30 0.19 17.87
N SER E 37 -13.06 -0.50 18.98
CA SER E 37 -14.07 -1.35 19.60
C SER E 37 -14.02 -1.21 21.11
N LYS E 38 -15.19 -1.03 21.72
CA LYS E 38 -15.28 -0.90 23.17
C LYS E 38 -15.86 -2.16 23.79
N ARG E 39 -16.23 -3.11 22.93
CA ARG E 39 -16.85 -4.35 23.38
C ARG E 39 -16.24 -5.54 22.62
N PHE E 40 -15.57 -6.44 23.33
CA PHE E 40 -14.83 -7.50 22.68
C PHE E 40 -14.57 -8.73 23.55
N LEU E 41 -14.33 -9.86 22.90
CA LEU E 41 -13.95 -11.10 23.57
C LEU E 41 -12.60 -11.61 23.05
N VAL E 42 -11.90 -12.38 23.87
CA VAL E 42 -10.63 -12.97 23.45
C VAL E 42 -10.51 -14.43 23.89
N LYS E 43 -9.95 -15.26 23.00
CA LYS E 43 -9.63 -16.64 23.33
C LYS E 43 -8.18 -16.93 22.98
N TYR E 44 -7.41 -17.36 23.97
CA TYR E 44 -5.99 -17.62 23.76
C TYR E 44 -5.76 -19.06 23.32
N ALA E 45 -4.82 -19.25 22.41
CA ALA E 45 -4.40 -20.58 22.00
C ALA E 45 -3.07 -20.90 22.65
N ASP E 46 -2.61 -22.13 22.49
CA ASP E 46 -1.26 -22.49 22.91
C ASP E 46 -0.33 -22.49 21.70
N PRO E 47 0.52 -21.45 21.59
CA PRO E 47 1.43 -21.28 20.46
C PRO E 47 2.41 -22.44 20.34
N TYR E 48 2.70 -23.09 21.45
CA TYR E 48 3.70 -24.17 21.48
C TYR E 48 3.07 -25.51 21.11
N ASN E 49 1.74 -25.53 21.04
CA ASN E 49 1.01 -26.67 20.49
C ASN E 49 0.03 -26.20 19.43
N TYR E 50 0.54 -25.45 18.46
CA TYR E 50 -0.30 -24.86 17.42
C TYR E 50 0.12 -25.39 16.05
N ASP E 51 -0.86 -25.72 15.22
CA ASP E 51 -0.57 -26.19 13.87
C ASP E 51 -0.81 -25.04 12.90
N LEU E 52 0.27 -24.47 12.37
CA LEU E 52 0.17 -23.34 11.46
C LEU E 52 -0.42 -23.77 10.12
N SER E 53 -0.13 -25.01 9.74
CA SER E 53 -0.69 -25.59 8.52
C SER E 53 -2.20 -25.77 8.68
N GLY E 54 -2.63 -26.14 9.88
CA GLY E 54 -4.04 -26.31 10.16
C GLY E 54 -4.72 -24.96 10.18
N ARG E 55 -6.05 -24.97 10.07
CA ARG E 55 -6.81 -23.73 10.06
C ARG E 55 -7.82 -23.69 11.20
N GLN E 56 -7.38 -24.03 12.40
CA GLN E 56 -8.24 -23.96 13.58
C GLN E 56 -8.68 -22.54 13.89
N ALA E 57 -7.78 -21.59 13.64
CA ALA E 57 -8.04 -20.17 13.86
C ALA E 57 -9.43 -19.71 13.41
N ILE E 58 -9.80 -20.05 12.18
CA ILE E 58 -11.07 -19.59 11.63
C ILE E 58 -12.26 -20.30 12.27
N ARG E 59 -12.02 -21.49 12.83
CA ARG E 59 -13.09 -22.20 13.52
C ARG E 59 -13.30 -21.58 14.89
N ASP E 60 -12.20 -21.15 15.51
CA ASP E 60 -12.26 -20.39 16.75
C ASP E 60 -12.89 -19.03 16.50
N GLU E 61 -12.54 -18.43 15.36
CA GLU E 61 -13.03 -17.11 14.97
C GLU E 61 -14.54 -17.05 14.85
N ILE E 62 -15.11 -17.93 14.02
CA ILE E 62 -16.54 -17.92 13.74
C ILE E 62 -17.36 -18.26 14.99
N GLU E 63 -16.79 -19.09 15.86
CA GLU E 63 -17.44 -19.46 17.11
C GLU E 63 -17.47 -18.27 18.07
N LEU E 64 -16.33 -17.60 18.21
CA LEU E 64 -16.21 -16.49 19.14
C LEU E 64 -17.06 -15.30 18.69
N ALA E 65 -17.15 -15.12 17.37
CA ALA E 65 -17.96 -14.05 16.82
C ALA E 65 -19.43 -14.28 17.11
N ILE E 66 -19.86 -15.54 17.01
CA ILE E 66 -21.23 -15.92 17.30
C ILE E 66 -21.55 -15.70 18.79
N GLU E 67 -20.61 -16.08 19.65
CA GLU E 67 -20.77 -15.93 21.09
C GLU E 67 -21.03 -14.47 21.46
N LEU E 68 -20.30 -13.56 20.81
CA LEU E 68 -20.47 -12.14 21.05
C LEU E 68 -21.75 -11.62 20.41
N ALA E 69 -22.05 -12.14 19.22
CA ALA E 69 -23.23 -11.71 18.46
C ALA E 69 -24.55 -12.05 19.16
N ARG E 70 -24.58 -13.17 19.89
CA ARG E 70 -25.78 -13.58 20.59
C ARG E 70 -26.08 -12.67 21.79
N GLU E 71 -25.10 -11.87 22.19
CA GLU E 71 -25.26 -10.95 23.30
C GLU E 71 -25.53 -9.51 22.86
N VAL E 72 -24.94 -9.10 21.74
CA VAL E 72 -25.00 -7.70 21.33
C VAL E 72 -25.84 -7.48 20.09
N SER E 73 -26.26 -8.57 19.45
CA SER E 73 -27.16 -8.54 18.29
C SER E 73 -26.75 -7.53 17.21
N PRO E 74 -25.65 -7.80 16.49
CA PRO E 74 -25.18 -6.90 15.44
C PRO E 74 -25.98 -7.06 14.15
N ASP E 75 -25.74 -6.18 13.18
CA ASP E 75 -26.40 -6.28 11.88
C ASP E 75 -25.83 -7.42 11.05
N VAL E 76 -24.56 -7.73 11.28
CA VAL E 76 -23.85 -8.70 10.46
C VAL E 76 -22.56 -9.15 11.14
N ILE E 77 -22.11 -10.37 10.82
CA ILE E 77 -20.83 -10.86 11.32
C ILE E 77 -19.81 -10.91 10.18
N HIS E 78 -18.66 -10.28 10.40
CA HIS E 78 -17.58 -10.31 9.40
C HIS E 78 -16.51 -11.33 9.76
N LEU E 79 -16.31 -12.29 8.87
CA LEU E 79 -15.26 -13.29 9.04
C LEU E 79 -14.04 -12.91 8.22
N ASN E 80 -12.85 -13.17 8.76
CA ASN E 80 -11.63 -12.76 8.09
C ASN E 80 -11.20 -13.76 7.02
N SER E 81 -11.87 -13.70 5.87
CA SER E 81 -11.52 -14.50 4.71
C SER E 81 -12.05 -13.83 3.45
N THR E 82 -11.15 -13.42 2.56
CA THR E 82 -11.54 -12.65 1.39
C THR E 82 -12.17 -13.55 0.31
N LEU E 83 -13.48 -13.71 0.38
CA LEU E 83 -14.20 -14.50 -0.61
C LEU E 83 -15.25 -13.67 -1.35
N GLY E 84 -15.13 -12.35 -1.22
CA GLY E 84 -16.03 -11.44 -1.92
C GLY E 84 -17.32 -11.16 -1.19
N GLY E 85 -17.33 -11.45 0.11
CA GLY E 85 -18.49 -11.16 0.94
C GLY E 85 -19.61 -12.18 0.81
N ILE E 86 -19.23 -13.42 0.49
CA ILE E 86 -20.22 -14.49 0.35
C ILE E 86 -20.65 -15.01 1.72
N GLU E 87 -21.94 -15.27 1.88
CA GLU E 87 -22.48 -15.79 3.13
C GLU E 87 -22.01 -17.22 3.40
N VAL E 88 -21.51 -17.45 4.61
CA VAL E 88 -21.03 -18.77 5.02
C VAL E 88 -22.13 -19.82 4.92
N ARG E 89 -23.36 -19.42 5.26
CA ARG E 89 -24.49 -20.34 5.21
C ARG E 89 -24.80 -20.79 3.79
N LYS E 90 -24.25 -20.07 2.81
CA LYS E 90 -24.47 -20.37 1.41
C LYS E 90 -23.25 -21.07 0.80
N LEU E 91 -22.35 -21.55 1.67
CA LEU E 91 -21.10 -22.16 1.20
C LEU E 91 -21.24 -23.66 1.02
N ASP E 92 -21.50 -24.08 -0.21
CA ASP E 92 -21.44 -25.49 -0.59
C ASP E 92 -20.38 -25.68 -1.68
N GLU E 93 -20.07 -26.93 -1.99
CA GLU E 93 -19.07 -27.25 -3.01
C GLU E 93 -19.35 -26.53 -4.32
N SER E 94 -20.63 -26.39 -4.65
CA SER E 94 -21.06 -25.72 -5.87
C SER E 94 -20.62 -24.26 -5.93
N THR E 95 -20.81 -23.54 -4.83
CA THR E 95 -20.53 -22.11 -4.77
C THR E 95 -19.05 -21.79 -4.52
N ILE E 96 -18.36 -22.68 -3.81
CA ILE E 96 -16.94 -22.50 -3.53
C ILE E 96 -16.08 -22.47 -4.79
N ASP E 97 -16.31 -23.44 -5.67
CA ASP E 97 -15.56 -23.55 -6.92
C ASP E 97 -15.84 -22.40 -7.89
N ALA E 98 -16.95 -21.70 -7.69
CA ALA E 98 -17.32 -20.60 -8.57
C ALA E 98 -16.74 -19.27 -8.12
N LEU E 99 -16.00 -19.29 -7.03
CA LEU E 99 -15.32 -18.08 -6.55
C LEU E 99 -14.01 -17.85 -7.28
N GLN E 100 -13.65 -16.60 -7.50
CA GLN E 100 -12.38 -16.27 -8.14
C GLN E 100 -11.28 -16.14 -7.10
N ILE E 101 -11.05 -17.24 -6.37
CA ILE E 101 -9.98 -17.33 -5.41
C ILE E 101 -9.04 -18.40 -5.90
N SER E 102 -7.88 -18.54 -5.26
CA SER E 102 -6.91 -19.54 -5.71
C SER E 102 -7.51 -20.94 -5.64
N ASP E 103 -6.91 -21.87 -6.37
CA ASP E 103 -7.37 -23.26 -6.38
C ASP E 103 -7.19 -23.88 -5.00
N ARG E 104 -6.20 -23.39 -4.27
CA ARG E 104 -5.94 -23.85 -2.92
C ARG E 104 -7.00 -23.31 -1.96
N GLY E 105 -7.41 -22.06 -2.20
CA GLY E 105 -8.49 -21.45 -1.45
C GLY E 105 -9.76 -22.28 -1.51
N LYS E 106 -10.05 -22.80 -2.70
CA LYS E 106 -11.22 -23.66 -2.90
C LYS E 106 -11.10 -24.95 -2.10
N GLU E 107 -9.91 -25.56 -2.14
CA GLU E 107 -9.64 -26.80 -1.43
C GLU E 107 -9.91 -26.74 0.08
N ILE E 108 -9.38 -25.71 0.73
CA ILE E 108 -9.52 -25.53 2.17
C ILE E 108 -10.98 -25.37 2.62
N TRP E 109 -11.73 -24.58 1.87
CA TRP E 109 -13.08 -24.21 2.28
C TRP E 109 -14.13 -25.30 2.13
N LYS E 110 -13.87 -26.29 1.26
CA LYS E 110 -14.78 -27.42 1.14
C LYS E 110 -14.82 -28.26 2.41
N GLU E 111 -13.72 -28.28 3.15
CA GLU E 111 -13.65 -29.04 4.40
C GLU E 111 -14.25 -28.25 5.57
N LEU E 112 -14.05 -26.94 5.56
CA LEU E 112 -14.60 -26.08 6.60
C LEU E 112 -16.13 -26.07 6.53
N SER E 113 -16.64 -26.20 5.31
CA SER E 113 -18.07 -26.15 5.04
C SER E 113 -18.89 -27.20 5.79
N LYS E 114 -18.27 -28.32 6.11
CA LYS E 114 -18.98 -29.42 6.79
C LYS E 114 -19.59 -28.98 8.12
N ASP E 115 -18.86 -28.16 8.84
CA ASP E 115 -19.31 -27.68 10.14
C ASP E 115 -19.85 -26.25 10.08
N LEU E 116 -19.14 -25.39 9.36
CA LEU E 116 -19.40 -23.96 9.41
C LEU E 116 -20.64 -23.53 8.64
N GLN E 117 -20.95 -24.22 7.53
CA GLN E 117 -22.13 -23.87 6.75
C GLN E 117 -23.43 -24.20 7.49
N PRO E 118 -23.53 -25.42 8.09
CA PRO E 118 -24.74 -25.65 8.88
C PRO E 118 -24.81 -24.76 10.13
N LEU E 119 -23.65 -24.49 10.73
CA LEU E 119 -23.58 -23.62 11.91
C LEU E 119 -24.09 -22.22 11.59
N ALA E 120 -23.71 -21.72 10.41
CA ALA E 120 -24.14 -20.39 9.99
C ALA E 120 -25.62 -20.40 9.63
N LYS E 121 -26.09 -21.53 9.11
CA LYS E 121 -27.49 -21.66 8.73
C LYS E 121 -28.42 -21.66 9.94
N LYS E 122 -28.02 -22.38 10.98
CA LYS E 122 -28.82 -22.44 12.21
C LYS E 122 -28.84 -21.08 12.89
N PHE E 123 -27.68 -20.43 12.93
CA PHE E 123 -27.56 -19.13 13.57
C PHE E 123 -28.36 -18.08 12.80
N TRP E 124 -28.42 -18.23 11.49
CA TRP E 124 -29.19 -17.32 10.65
C TRP E 124 -30.69 -17.54 10.84
N GLU E 125 -31.08 -18.79 11.07
CA GLU E 125 -32.48 -19.11 11.29
C GLU E 125 -32.92 -18.61 12.66
N GLU E 126 -31.97 -18.58 13.60
CA GLU E 126 -32.23 -18.03 14.93
C GLU E 126 -32.29 -16.51 14.94
N THR E 127 -31.22 -15.87 14.46
CA THR E 127 -31.05 -14.44 14.67
C THR E 127 -31.26 -13.59 13.42
N GLY E 128 -31.21 -14.20 12.25
CA GLY E 128 -31.34 -13.46 11.01
C GLY E 128 -30.05 -12.75 10.63
N ILE E 129 -29.01 -12.98 11.42
CA ILE E 129 -27.72 -12.33 11.20
C ILE E 129 -26.85 -13.15 10.27
N GLU E 130 -26.42 -12.53 9.16
CA GLU E 130 -25.54 -13.20 8.21
C GLU E 130 -24.10 -13.22 8.70
N ILE E 131 -23.38 -14.28 8.33
CA ILE E 131 -21.95 -14.35 8.57
C ILE E 131 -21.25 -14.36 7.21
N ILE E 132 -20.65 -13.23 6.86
CA ILE E 132 -20.05 -13.10 5.53
C ILE E 132 -18.52 -13.16 5.55
N ALA E 133 -17.96 -13.81 4.54
CA ALA E 133 -16.51 -13.88 4.36
C ALA E 133 -16.04 -12.71 3.51
N ILE E 134 -15.63 -11.63 4.17
CA ILE E 134 -15.30 -10.39 3.49
C ILE E 134 -13.79 -10.09 3.55
N GLY E 135 -13.14 -10.48 4.63
CA GLY E 135 -11.71 -10.37 4.79
C GLY E 135 -11.07 -8.98 4.76
N LYS E 136 -10.15 -8.77 3.83
CA LYS E 136 -9.31 -7.57 3.81
C LYS E 136 -10.03 -6.23 3.63
N SER E 137 -11.21 -6.24 3.01
CA SER E 137 -11.93 -5.00 2.73
C SER E 137 -12.68 -4.49 3.96
N SER E 138 -12.81 -5.34 4.97
CA SER E 138 -13.59 -4.98 6.15
C SER E 138 -12.75 -4.28 7.21
N VAL E 139 -13.27 -3.17 7.72
CA VAL E 139 -12.63 -2.43 8.80
C VAL E 139 -12.84 -3.10 10.18
N PRO E 140 -14.06 -3.58 10.48
CA PRO E 140 -14.19 -4.33 11.74
C PRO E 140 -13.21 -5.50 11.85
N VAL E 141 -12.93 -6.17 10.74
CA VAL E 141 -11.94 -7.23 10.72
C VAL E 141 -10.54 -6.70 11.06
N ARG E 142 -10.18 -5.57 10.45
CA ARG E 142 -8.89 -4.95 10.70
C ARG E 142 -8.78 -4.48 12.15
N ILE E 143 -9.88 -3.94 12.69
CA ILE E 143 -9.92 -3.55 14.09
C ILE E 143 -9.74 -4.78 14.98
N ALA E 144 -10.40 -5.87 14.61
CA ALA E 144 -10.25 -7.14 15.32
C ALA E 144 -8.80 -7.62 15.25
N GLU E 145 -8.17 -7.39 14.10
CA GLU E 145 -6.77 -7.76 13.89
C GLU E 145 -5.85 -6.96 14.82
N ILE E 146 -6.17 -5.68 14.98
CA ILE E 146 -5.41 -4.81 15.87
C ILE E 146 -5.51 -5.28 17.32
N TYR E 147 -6.71 -5.64 17.73
CA TYR E 147 -6.95 -6.16 19.07
C TYR E 147 -6.29 -7.53 19.26
N ALA E 148 -6.21 -8.30 18.19
CA ALA E 148 -5.51 -9.58 18.22
C ALA E 148 -4.04 -9.36 18.56
N GLY E 149 -3.48 -8.27 18.05
CA GLY E 149 -2.12 -7.87 18.35
C GLY E 149 -1.96 -7.44 19.81
N ILE E 150 -2.92 -6.64 20.29
CA ILE E 150 -2.89 -6.13 21.65
C ILE E 150 -2.96 -7.25 22.67
N PHE E 151 -3.84 -8.21 22.42
CA PHE E 151 -4.03 -9.32 23.36
C PHE E 151 -2.84 -10.27 23.30
N SER E 152 -2.12 -10.25 22.18
CA SER E 152 -0.89 -11.01 22.06
C SER E 152 0.18 -10.40 22.96
N VAL E 153 0.22 -9.08 22.98
CA VAL E 153 1.13 -8.35 23.87
C VAL E 153 0.76 -8.60 25.34
N LYS E 154 -0.53 -8.57 25.65
CA LYS E 154 -1.01 -8.87 26.99
C LYS E 154 -0.63 -10.29 27.38
N TRP E 155 -0.81 -11.22 26.45
CA TRP E 155 -0.41 -12.60 26.63
C TRP E 155 1.08 -12.69 26.97
N ALA E 156 1.88 -11.91 26.27
CA ALA E 156 3.31 -11.86 26.51
C ALA E 156 3.62 -11.29 27.90
N LEU E 157 2.89 -10.23 28.25
CA LEU E 157 3.03 -9.59 29.57
C LEU E 157 2.74 -10.57 30.70
N ASP E 158 1.68 -11.36 30.53
CA ASP E 158 1.23 -12.29 31.55
C ASP E 158 2.10 -13.54 31.60
N ASN E 159 2.83 -13.79 30.52
CA ASN E 159 3.62 -15.03 30.39
C ASN E 159 5.12 -14.85 30.22
N VAL E 160 5.64 -13.65 30.46
CA VAL E 160 7.06 -13.39 30.25
C VAL E 160 7.92 -14.00 31.35
N LYS E 161 7.40 -14.02 32.57
CA LYS E 161 8.19 -14.44 33.73
C LYS E 161 8.30 -15.97 33.86
N GLU E 162 7.47 -16.70 33.13
CA GLU E 162 7.57 -18.15 33.15
C GLU E 162 8.51 -18.64 32.05
N LYS E 163 8.63 -17.84 30.99
CA LYS E 163 9.47 -18.20 29.84
C LYS E 163 10.74 -17.37 29.73
N GLY E 164 10.85 -16.31 30.52
CA GLY E 164 12.06 -15.51 30.57
C GLY E 164 12.58 -14.96 29.25
N GLY E 165 11.66 -14.60 28.35
CA GLY E 165 12.04 -14.06 27.05
C GLY E 165 11.06 -14.45 25.96
N LEU E 166 10.49 -13.45 25.30
CA LEU E 166 9.47 -13.69 24.28
C LEU E 166 9.58 -12.73 23.10
N LEU E 167 9.51 -13.30 21.89
CA LEU E 167 9.37 -12.52 20.67
C LEU E 167 7.94 -12.66 20.15
N VAL E 168 7.21 -11.54 20.09
CA VAL E 168 5.85 -11.57 19.59
C VAL E 168 5.76 -10.86 18.23
N GLY E 169 5.39 -11.63 17.21
CA GLY E 169 5.17 -11.06 15.90
C GLY E 169 3.78 -10.46 15.79
N LEU E 170 3.73 -9.15 15.62
CA LEU E 170 2.47 -8.43 15.52
C LEU E 170 1.85 -8.57 14.13
N PRO E 171 0.54 -8.29 14.01
CA PRO E 171 -0.11 -8.16 12.70
C PRO E 171 0.47 -7.01 11.87
N ARG E 172 0.08 -6.92 10.61
CA ARG E 172 0.70 -6.00 9.66
C ARG E 172 0.65 -4.53 10.08
N TYR E 173 1.80 -3.88 10.02
CA TYR E 173 1.96 -2.44 10.27
C TYR E 173 1.10 -1.88 11.39
N MET E 174 1.24 -2.46 12.57
CA MET E 174 0.61 -1.90 13.76
C MET E 174 1.65 -1.78 14.87
N GLU E 175 1.47 -0.81 15.76
CA GLU E 175 2.38 -0.62 16.86
C GLU E 175 1.62 -0.76 18.18
N VAL E 176 2.35 -1.00 19.26
CA VAL E 176 1.74 -0.99 20.58
C VAL E 176 2.46 -0.05 21.53
N GLU E 177 1.71 0.49 22.48
CA GLU E 177 2.25 1.29 23.56
C GLU E 177 1.74 0.73 24.87
N ILE E 178 2.60 0.67 25.88
CA ILE E 178 2.18 0.16 27.18
C ILE E 178 2.21 1.24 28.25
N LYS E 179 1.03 1.58 28.77
CA LYS E 179 0.92 2.53 29.86
C LYS E 179 0.89 1.79 31.19
N LYS E 180 0.59 2.51 32.27
CA LYS E 180 0.58 1.94 33.60
C LYS E 180 -0.49 0.86 33.75
N ASP E 181 -1.61 1.04 33.07
CA ASP E 181 -2.77 0.18 33.29
C ASP E 181 -3.38 -0.37 32.01
N LYS E 182 -2.85 0.03 30.85
CA LYS E 182 -3.45 -0.39 29.59
C LYS E 182 -2.44 -0.55 28.46
N ILE E 183 -2.80 -1.35 27.46
CA ILE E 183 -2.04 -1.47 26.23
C ILE E 183 -2.77 -0.76 25.10
N ILE E 184 -2.06 0.08 24.36
CA ILE E 184 -2.65 0.80 23.25
C ILE E 184 -2.09 0.30 21.92
N GLY E 185 -2.96 -0.18 21.05
CA GLY E 185 -2.55 -0.64 19.74
C GLY E 185 -3.07 0.29 18.68
N LYS E 186 -2.20 0.63 17.73
CA LYS E 186 -2.55 1.58 16.69
C LYS E 186 -2.06 1.11 15.32
N SER E 187 -2.90 1.25 14.30
CA SER E 187 -2.48 0.99 12.93
C SER E 187 -1.43 2.01 12.51
N LEU E 188 -0.42 1.54 11.79
CA LEU E 188 0.63 2.43 11.29
C LEU E 188 0.28 3.01 9.94
N ASP E 189 -0.83 2.56 9.37
CA ASP E 189 -1.28 3.02 8.06
C ASP E 189 -2.31 4.14 8.21
N PRO E 190 -1.89 5.39 7.93
CA PRO E 190 -2.77 6.57 8.04
C PRO E 190 -3.92 6.51 7.04
N ARG E 191 -3.77 5.69 6.01
CA ARG E 191 -4.81 5.53 5.00
C ARG E 191 -6.05 4.86 5.58
N GLU E 192 -5.88 4.16 6.70
CA GLU E 192 -6.97 3.42 7.31
C GLU E 192 -7.86 4.34 8.16
N GLY E 193 -7.40 5.57 8.36
CA GLY E 193 -8.24 6.59 8.97
C GLY E 193 -8.16 6.71 10.48
N GLY E 194 -7.13 6.12 11.08
CA GLY E 194 -6.96 6.21 12.53
C GLY E 194 -7.60 5.07 13.29
N LEU E 195 -7.25 3.84 12.92
CA LEU E 195 -7.76 2.65 13.60
C LEU E 195 -6.92 2.33 14.82
N TYR E 196 -7.58 2.01 15.93
CA TYR E 196 -6.86 1.78 17.19
C TYR E 196 -7.62 0.87 18.15
N GLY E 197 -6.94 0.44 19.20
CA GLY E 197 -7.54 -0.37 20.25
C GLY E 197 -6.93 -0.10 21.62
N GLU E 198 -7.61 -0.56 22.66
CA GLU E 198 -7.15 -0.37 24.04
C GLU E 198 -7.65 -1.50 24.94
N VAL E 199 -6.75 -2.06 25.74
CA VAL E 199 -7.09 -3.16 26.63
C VAL E 199 -6.48 -2.95 28.01
N LYS E 200 -7.33 -2.92 29.03
CA LYS E 200 -6.88 -2.74 30.40
C LYS E 200 -6.19 -4.00 30.92
N THR E 201 -5.03 -3.82 31.56
CA THR E 201 -4.30 -4.93 32.16
C THR E 201 -3.29 -4.43 33.18
N GLU E 202 -2.96 -5.29 34.15
CA GLU E 202 -1.89 -4.98 35.10
C GLU E 202 -0.53 -5.25 34.45
N VAL E 203 0.34 -4.25 34.45
CA VAL E 203 1.65 -4.39 33.84
C VAL E 203 2.67 -4.80 34.92
N PRO E 204 3.21 -6.03 34.78
CA PRO E 204 4.18 -6.61 35.71
C PRO E 204 5.46 -5.79 35.84
N GLN E 205 6.15 -5.91 36.97
CA GLN E 205 7.37 -5.16 37.19
C GLN E 205 8.60 -5.99 36.84
N GLY E 206 9.74 -5.31 36.69
CA GLY E 206 10.98 -5.95 36.35
C GLY E 206 11.02 -6.45 34.91
N ILE E 207 10.32 -5.75 34.03
CA ILE E 207 10.32 -6.09 32.62
C ILE E 207 10.74 -4.90 31.75
N LYS E 208 11.42 -5.20 30.65
CA LYS E 208 11.73 -4.18 29.65
C LYS E 208 11.22 -4.64 28.29
N TRP E 209 10.64 -3.73 27.52
CA TRP E 209 10.10 -4.10 26.21
C TRP E 209 10.58 -3.19 25.08
N GLU E 210 10.63 -3.75 23.88
CA GLU E 210 11.10 -3.03 22.71
C GLU E 210 10.23 -3.33 21.48
N LEU E 211 10.08 -2.33 20.62
CA LEU E 211 9.34 -2.49 19.39
C LEU E 211 10.22 -2.12 18.21
N TYR E 212 10.35 -3.04 17.25
CA TYR E 212 11.22 -2.81 16.10
C TYR E 212 10.74 -3.65 14.90
N PRO E 213 11.14 -3.26 13.68
CA PRO E 213 10.72 -3.98 12.48
C PRO E 213 11.22 -5.43 12.40
N ASN E 214 10.34 -6.34 11.98
CA ASN E 214 10.76 -7.67 11.59
C ASN E 214 11.60 -7.57 10.32
N PRO E 215 12.90 -7.89 10.44
CA PRO E 215 13.83 -7.71 9.31
C PRO E 215 13.51 -8.63 8.13
N LEU E 216 12.75 -9.70 8.37
CA LEU E 216 12.45 -10.67 7.32
C LEU E 216 11.05 -10.49 6.76
N VAL E 217 10.23 -9.68 7.43
CA VAL E 217 8.87 -9.43 6.98
C VAL E 217 8.57 -7.94 7.05
N ARG E 218 8.81 -7.24 5.95
CA ARG E 218 8.61 -5.80 5.87
C ARG E 218 7.18 -5.39 6.25
N ARG E 219 7.08 -4.27 6.96
CA ARG E 219 5.82 -3.70 7.44
C ARG E 219 5.21 -4.54 8.56
N PHE E 220 5.97 -5.48 9.10
CA PHE E 220 5.57 -6.20 10.30
C PHE E 220 6.50 -5.88 11.46
N MET E 221 5.93 -5.48 12.58
CA MET E 221 6.73 -5.14 13.75
C MET E 221 6.91 -6.33 14.69
N VAL E 222 7.95 -6.28 15.50
CA VAL E 222 8.20 -7.31 16.50
C VAL E 222 8.14 -6.72 17.90
N PHE E 223 7.40 -7.38 18.78
CA PHE E 223 7.36 -6.98 20.18
C PHE E 223 8.23 -7.91 21.01
N GLU E 224 9.27 -7.34 21.62
CA GLU E 224 10.20 -8.13 22.43
C GLU E 224 10.16 -7.69 23.89
N ILE E 225 10.06 -8.65 24.79
CA ILE E 225 10.04 -8.36 26.22
C ILE E 225 10.94 -9.31 27.00
N THR E 226 11.63 -8.79 28.00
CA THR E 226 12.55 -9.58 28.82
C THR E 226 12.40 -9.23 30.30
N SER E 227 13.18 -9.90 31.15
CA SER E 227 13.18 -9.62 32.57
C SER E 227 14.48 -8.94 33.00
#